data_5BZY
# 
_entry.id   5BZY 
# 
_audit_conform.dict_name       mmcif_pdbx.dic 
_audit_conform.dict_version    5.379 
_audit_conform.dict_location   http://mmcif.pdb.org/dictionaries/ascii/mmcif_pdbx.dic 
# 
loop_
_database_2.database_id 
_database_2.database_code 
_database_2.pdbx_database_accession 
_database_2.pdbx_DOI 
PDB   5BZY         pdb_00005bzy 10.2210/pdb5bzy/pdb 
WWPDB D_1000210821 ?            ?                   
# 
loop_
_pdbx_database_related.db_name 
_pdbx_database_related.details 
_pdbx_database_related.db_id 
_pdbx_database_related.content_type 
PDB 'Related sequences with isomorphous structures.' 5BZ7 unspecified 
PDB .                                                5BZ9 unspecified 
PDB .                                                5BXW unspecified 
# 
_pdbx_database_status.status_code                     REL 
_pdbx_database_status.status_code_sf                  REL 
_pdbx_database_status.status_code_mr                  ? 
_pdbx_database_status.entry_id                        5BZY 
_pdbx_database_status.recvd_initial_deposition_date   2015-06-11 
_pdbx_database_status.SG_entry                        N 
_pdbx_database_status.deposit_site                    RCSB 
_pdbx_database_status.process_site                    RCSB 
_pdbx_database_status.status_code_cs                  ? 
_pdbx_database_status.methods_development_category    ? 
_pdbx_database_status.pdb_format_compatible           Y 
_pdbx_database_status.status_code_nmr_data            ? 
# 
loop_
_audit_author.name 
_audit_author.pdbx_ordinal 
'Saoji, M.'        1 
'Paukstelis, P.J.' 2 
# 
_citation.abstract                  ? 
_citation.abstract_id_CAS           ? 
_citation.book_id_ISBN              ? 
_citation.book_publisher            ? 
_citation.book_publisher_city       ? 
_citation.book_title                ? 
_citation.coordinate_linkage        ? 
_citation.country                   US 
_citation.database_id_Medline       ? 
_citation.details                   ? 
_citation.id                        primary 
_citation.journal_abbrev            'Acta Crystallogr.,Sect.D' 
_citation.journal_id_ASTM           ABCRE6 
_citation.journal_id_CSD            ? 
_citation.journal_id_ISSN           1399-0047 
_citation.journal_full              ? 
_citation.journal_issue             ? 
_citation.journal_volume            71 
_citation.language                  ? 
_citation.page_first                2471 
_citation.page_last                 2478 
_citation.title                     'Sequence-dependent structural changes in a self-assembling DNA oligonucleotide.' 
_citation.year                      2015 
_citation.database_id_CSD           ? 
_citation.pdbx_database_id_DOI      10.1107/S1399004715019598 
_citation.pdbx_database_id_PubMed   26627654 
_citation.unpublished_flag          ? 
# 
loop_
_citation_author.citation_id 
_citation_author.name 
_citation_author.ordinal 
_citation_author.identifier_ORCID 
primary 'Saoji, M.'        1 ? 
primary 'Paukstelis, P.J.' 2 ? 
# 
_cell.angle_alpha                  90.00 
_cell.angle_alpha_esd              ? 
_cell.angle_beta                   90.00 
_cell.angle_beta_esd               ? 
_cell.angle_gamma                  120.00 
_cell.angle_gamma_esd              ? 
_cell.entry_id                     5BZY 
_cell.details                      ? 
_cell.formula_units_Z              ? 
_cell.length_a                     25.958 
_cell.length_a_esd                 ? 
_cell.length_b                     25.958 
_cell.length_b_esd                 ? 
_cell.length_c                     121.533 
_cell.length_c_esd                 ? 
_cell.volume                       ? 
_cell.volume_esd                   ? 
_cell.Z_PDB                        6 
_cell.reciprocal_angle_alpha       ? 
_cell.reciprocal_angle_beta        ? 
_cell.reciprocal_angle_gamma       ? 
_cell.reciprocal_angle_alpha_esd   ? 
_cell.reciprocal_angle_beta_esd    ? 
_cell.reciprocal_angle_gamma_esd   ? 
_cell.reciprocal_length_a          ? 
_cell.reciprocal_length_b          ? 
_cell.reciprocal_length_c          ? 
_cell.reciprocal_length_a_esd      ? 
_cell.reciprocal_length_b_esd      ? 
_cell.reciprocal_length_c_esd      ? 
_cell.pdbx_unique_axis             ? 
# 
_symmetry.entry_id                         5BZY 
_symmetry.cell_setting                     ? 
_symmetry.Int_Tables_number                152 
_symmetry.space_group_name_Hall            ? 
_symmetry.space_group_name_H-M             'P 31 2 1' 
_symmetry.pdbx_full_space_group_name_H-M   ? 
# 
loop_
_entity.id 
_entity.type 
_entity.src_method 
_entity.pdbx_description 
_entity.formula_weight 
_entity.pdbx_number_of_molecules 
_entity.pdbx_ec 
_entity.pdbx_mutation 
_entity.pdbx_fragment 
_entity.details 
1 polymer     syn 
;DNA (5'-D(*GP*GP*AP*AP*AP*TP*AP*TP*TP*GP*GP*AP*GP*A)-3')
;
4392.891 1 ? ? ? ? 
2 non-polymer syn 'MAGNESIUM ION'                                            24.305   2 ? ? ? ? 
3 water       nat water                                                      18.015   6 ? ? ? ? 
# 
_entity_poly.entity_id                      1 
_entity_poly.type                           polydeoxyribonucleotide 
_entity_poly.nstd_linkage                   no 
_entity_poly.nstd_monomer                   no 
_entity_poly.pdbx_seq_one_letter_code       '(DG)(DG)(DA)(DA)(DA)(DT)(DA)(DT)(DT)(DG)(DG)(DA)(DG)(DA)' 
_entity_poly.pdbx_seq_one_letter_code_can   GGAAATATTGGAGA 
_entity_poly.pdbx_strand_id                 A 
_entity_poly.pdbx_target_identifier         ? 
# 
loop_
_entity_poly_seq.entity_id 
_entity_poly_seq.num 
_entity_poly_seq.mon_id 
_entity_poly_seq.hetero 
1 1  DG n 
1 2  DG n 
1 3  DA n 
1 4  DA n 
1 5  DA n 
1 6  DT n 
1 7  DA n 
1 8  DT n 
1 9  DT n 
1 10 DG n 
1 11 DG n 
1 12 DA n 
1 13 DG n 
1 14 DA n 
# 
_pdbx_entity_src_syn.entity_id              1 
_pdbx_entity_src_syn.pdbx_src_id            1 
_pdbx_entity_src_syn.pdbx_alt_source_flag   sample 
_pdbx_entity_src_syn.pdbx_beg_seq_num       1 
_pdbx_entity_src_syn.pdbx_end_seq_num       14 
_pdbx_entity_src_syn.organism_scientific    'synthetic construct' 
_pdbx_entity_src_syn.organism_common_name   ? 
_pdbx_entity_src_syn.ncbi_taxonomy_id       32630 
_pdbx_entity_src_syn.details                ? 
# 
_struct_ref.id                         1 
_struct_ref.db_name                    PDB 
_struct_ref.db_code                    5BZY 
_struct_ref.pdbx_db_accession          5BZY 
_struct_ref.pdbx_db_isoform            ? 
_struct_ref.entity_id                  1 
_struct_ref.pdbx_seq_one_letter_code   ? 
_struct_ref.pdbx_align_begin           1 
# 
_struct_ref_seq.align_id                      1 
_struct_ref_seq.ref_id                        1 
_struct_ref_seq.pdbx_PDB_id_code              5BZY 
_struct_ref_seq.pdbx_strand_id                A 
_struct_ref_seq.seq_align_beg                 1 
_struct_ref_seq.pdbx_seq_align_beg_ins_code   ? 
_struct_ref_seq.seq_align_end                 13 
_struct_ref_seq.pdbx_seq_align_end_ins_code   ? 
_struct_ref_seq.pdbx_db_accession             5BZY 
_struct_ref_seq.db_align_beg                  1 
_struct_ref_seq.pdbx_db_align_beg_ins_code    ? 
_struct_ref_seq.db_align_end                  13 
_struct_ref_seq.pdbx_db_align_end_ins_code    ? 
_struct_ref_seq.pdbx_auth_seq_align_beg       1 
_struct_ref_seq.pdbx_auth_seq_align_end       13 
# 
loop_
_chem_comp.id 
_chem_comp.type 
_chem_comp.mon_nstd_flag 
_chem_comp.name 
_chem_comp.pdbx_synonyms 
_chem_comp.formula 
_chem_comp.formula_weight 
DA  'DNA linking' y "2'-DEOXYADENOSINE-5'-MONOPHOSPHATE" ? 'C10 H14 N5 O6 P' 331.222 
DG  'DNA linking' y "2'-DEOXYGUANOSINE-5'-MONOPHOSPHATE" ? 'C10 H14 N5 O7 P' 347.221 
DT  'DNA linking' y "THYMIDINE-5'-MONOPHOSPHATE"         ? 'C10 H15 N2 O8 P' 322.208 
HOH non-polymer   . WATER                                ? 'H2 O'            18.015  
MG  non-polymer   . 'MAGNESIUM ION'                      ? 'Mg 2'            24.305  
# 
_exptl.absorpt_coefficient_mu     ? 
_exptl.absorpt_correction_T_max   ? 
_exptl.absorpt_correction_T_min   ? 
_exptl.absorpt_correction_type    ? 
_exptl.absorpt_process_details    ? 
_exptl.entry_id                   5BZY 
_exptl.crystals_number            ? 
_exptl.details                    ? 
_exptl.method                     'X-RAY DIFFRACTION' 
_exptl.method_details             ? 
# 
_exptl_crystal.colour                      ? 
_exptl_crystal.density_diffrn              ? 
_exptl_crystal.density_Matthews            2.64 
_exptl_crystal.density_method              ? 
_exptl_crystal.density_percent_sol         53.40 
_exptl_crystal.description                 ? 
_exptl_crystal.F_000                       ? 
_exptl_crystal.id                          1 
_exptl_crystal.preparation                 ? 
_exptl_crystal.size_max                    ? 
_exptl_crystal.size_mid                    ? 
_exptl_crystal.size_min                    ? 
_exptl_crystal.size_rad                    ? 
_exptl_crystal.colour_lustre               ? 
_exptl_crystal.colour_modifier             ? 
_exptl_crystal.colour_primary              ? 
_exptl_crystal.density_meas                ? 
_exptl_crystal.density_meas_esd            ? 
_exptl_crystal.density_meas_gt             ? 
_exptl_crystal.density_meas_lt             ? 
_exptl_crystal.density_meas_temp           ? 
_exptl_crystal.density_meas_temp_esd       ? 
_exptl_crystal.density_meas_temp_gt        ? 
_exptl_crystal.density_meas_temp_lt        ? 
_exptl_crystal.pdbx_crystal_image_url      ? 
_exptl_crystal.pdbx_crystal_image_format   ? 
_exptl_crystal.pdbx_mosaicity              ? 
_exptl_crystal.pdbx_mosaicity_esd          ? 
# 
_exptl_crystal_grow.apparatus       ? 
_exptl_crystal_grow.atmosphere      ? 
_exptl_crystal_grow.crystal_id      1 
_exptl_crystal_grow.details         ? 
_exptl_crystal_grow.method          'VAPOR DIFFUSION, SITTING DROP' 
_exptl_crystal_grow.method_ref      ? 
_exptl_crystal_grow.pH              ? 
_exptl_crystal_grow.pressure        ? 
_exptl_crystal_grow.pressure_esd    ? 
_exptl_crystal_grow.seeding         ? 
_exptl_crystal_grow.seeding_ref     ? 
_exptl_crystal_grow.temp            296.15 
_exptl_crystal_grow.temp_details    ? 
_exptl_crystal_grow.temp_esd        ? 
_exptl_crystal_grow.time            ? 
_exptl_crystal_grow.pdbx_details    
;120mM Magnesium Formate
50mM Lithium Chloride
10% MPD
;
_exptl_crystal_grow.pdbx_pH_range   ? 
# 
_diffrn.ambient_environment    ? 
_diffrn.ambient_temp           77.15 
_diffrn.ambient_temp_details   ? 
_diffrn.ambient_temp_esd       ? 
_diffrn.crystal_id             1 
_diffrn.crystal_support        ? 
_diffrn.crystal_treatment      ? 
_diffrn.details                ? 
_diffrn.id                     1 
_diffrn.ambient_pressure       ? 
_diffrn.ambient_pressure_esd   ? 
_diffrn.ambient_pressure_gt    ? 
_diffrn.ambient_pressure_lt    ? 
_diffrn.ambient_temp_gt        ? 
_diffrn.ambient_temp_lt        ? 
# 
_diffrn_detector.details                      ? 
_diffrn_detector.detector                     PIXEL 
_diffrn_detector.diffrn_id                    1 
_diffrn_detector.type                         'PSI PILATUS 6M' 
_diffrn_detector.area_resol_mean              ? 
_diffrn_detector.dtime                        ? 
_diffrn_detector.pdbx_frames_total            ? 
_diffrn_detector.pdbx_collection_time_total   ? 
_diffrn_detector.pdbx_collection_date         2014-06-29 
# 
_diffrn_radiation.collimation                      ? 
_diffrn_radiation.diffrn_id                        1 
_diffrn_radiation.filter_edge                      ? 
_diffrn_radiation.inhomogeneity                    ? 
_diffrn_radiation.monochromator                    'Si(111)' 
_diffrn_radiation.polarisn_norm                    ? 
_diffrn_radiation.polarisn_ratio                   ? 
_diffrn_radiation.probe                            ? 
_diffrn_radiation.type                             ? 
_diffrn_radiation.xray_symbol                      ? 
_diffrn_radiation.wavelength_id                    1 
_diffrn_radiation.pdbx_monochromatic_or_laue_m_l   M 
_diffrn_radiation.pdbx_wavelength_list             ? 
_diffrn_radiation.pdbx_wavelength                  ? 
_diffrn_radiation.pdbx_diffrn_protocol             'SINGLE WAVELENGTH' 
_diffrn_radiation.pdbx_analyzer                    ? 
_diffrn_radiation.pdbx_scattering_type             x-ray 
# 
_diffrn_radiation_wavelength.id           1 
_diffrn_radiation_wavelength.wavelength   0.97920 
_diffrn_radiation_wavelength.wt           1.0 
# 
_diffrn_source.current                     ? 
_diffrn_source.details                     ? 
_diffrn_source.diffrn_id                   1 
_diffrn_source.power                       ? 
_diffrn_source.size                        ? 
_diffrn_source.source                      SYNCHROTRON 
_diffrn_source.target                      ? 
_diffrn_source.type                        'APS BEAMLINE 24-ID-C' 
_diffrn_source.voltage                     ? 
_diffrn_source.take-off_angle              ? 
_diffrn_source.pdbx_wavelength_list        0.97920 
_diffrn_source.pdbx_wavelength             ? 
_diffrn_source.pdbx_synchrotron_beamline   24-ID-C 
_diffrn_source.pdbx_synchrotron_site       APS 
# 
_reflns.B_iso_Wilson_estimate            ? 
_reflns.entry_id                         5BZY 
_reflns.data_reduction_details           ? 
_reflns.data_reduction_method            ? 
_reflns.d_resolution_high                2.40 
_reflns.d_resolution_low                 22.48 
_reflns.details                          ? 
_reflns.limit_h_max                      ? 
_reflns.limit_h_min                      ? 
_reflns.limit_k_max                      ? 
_reflns.limit_k_min                      ? 
_reflns.limit_l_max                      ? 
_reflns.limit_l_min                      ? 
_reflns.number_all                       ? 
_reflns.number_obs                       2131 
_reflns.observed_criterion               ? 
_reflns.observed_criterion_F_max         ? 
_reflns.observed_criterion_F_min         ? 
_reflns.observed_criterion_I_max         ? 
_reflns.observed_criterion_I_min         ? 
_reflns.observed_criterion_sigma_F       ? 
_reflns.observed_criterion_sigma_I       ? 
_reflns.percent_possible_obs             99.1 
_reflns.R_free_details                   ? 
_reflns.Rmerge_F_all                     ? 
_reflns.Rmerge_F_obs                     ? 
_reflns.Friedel_coverage                 ? 
_reflns.number_gt                        ? 
_reflns.threshold_expression             ? 
_reflns.pdbx_redundancy                  3.8 
_reflns.pdbx_Rmerge_I_obs                0.093 
_reflns.pdbx_Rmerge_I_all                ? 
_reflns.pdbx_Rsym_value                  ? 
_reflns.pdbx_netI_over_av_sigmaI         ? 
_reflns.pdbx_netI_over_sigmaI            8.9 
_reflns.pdbx_res_netI_over_av_sigmaI_2   ? 
_reflns.pdbx_res_netI_over_sigmaI_2      ? 
_reflns.pdbx_chi_squared                 ? 
_reflns.pdbx_scaling_rejects             ? 
_reflns.pdbx_d_res_high_opt              ? 
_reflns.pdbx_d_res_low_opt               ? 
_reflns.pdbx_d_res_opt_method            ? 
_reflns.phase_calculation_details        ? 
_reflns.pdbx_Rrim_I_all                  ? 
_reflns.pdbx_Rpim_I_all                  ? 
_reflns.pdbx_d_opt                       ? 
_reflns.pdbx_number_measured_all         ? 
_reflns.pdbx_diffrn_id                   1 
_reflns.pdbx_ordinal                     1 
_reflns.pdbx_CC_half                     ? 
_reflns.pdbx_R_split                     ? 
# 
_reflns_shell.d_res_high                  2.4 
_reflns_shell.d_res_low                   2.53 
_reflns_shell.meanI_over_sigI_all         ? 
_reflns_shell.meanI_over_sigI_obs         2.6 
_reflns_shell.number_measured_all         ? 
_reflns_shell.number_measured_obs         ? 
_reflns_shell.number_possible             ? 
_reflns_shell.number_unique_all           ? 
_reflns_shell.number_unique_obs           ? 
_reflns_shell.percent_possible_all        98.7 
_reflns_shell.percent_possible_obs        ? 
_reflns_shell.Rmerge_F_all                ? 
_reflns_shell.Rmerge_F_obs                ? 
_reflns_shell.Rmerge_I_all                ? 
_reflns_shell.Rmerge_I_obs                0.208 
_reflns_shell.meanI_over_sigI_gt          ? 
_reflns_shell.meanI_over_uI_all           ? 
_reflns_shell.meanI_over_uI_gt            ? 
_reflns_shell.number_measured_gt          ? 
_reflns_shell.number_unique_gt            ? 
_reflns_shell.percent_possible_gt         ? 
_reflns_shell.Rmerge_F_gt                 ? 
_reflns_shell.Rmerge_I_gt                 ? 
_reflns_shell.pdbx_redundancy             3.5 
_reflns_shell.pdbx_Rsym_value             ? 
_reflns_shell.pdbx_chi_squared            ? 
_reflns_shell.pdbx_netI_over_sigmaI_all   ? 
_reflns_shell.pdbx_netI_over_sigmaI_obs   ? 
_reflns_shell.pdbx_Rrim_I_all             ? 
_reflns_shell.pdbx_Rpim_I_all             ? 
_reflns_shell.pdbx_rejects                ? 
_reflns_shell.pdbx_ordinal                1 
_reflns_shell.pdbx_diffrn_id              1 
_reflns_shell.pdbx_CC_half                ? 
_reflns_shell.pdbx_R_split                ? 
# 
_refine.aniso_B[1][1]                            -0.01 
_refine.aniso_B[1][2]                            -0.00 
_refine.aniso_B[1][3]                            -0.00 
_refine.aniso_B[2][2]                            -0.01 
_refine.aniso_B[2][3]                            0.00 
_refine.aniso_B[3][3]                            0.02 
_refine.B_iso_max                                ? 
_refine.B_iso_mean                               49.278 
_refine.B_iso_min                                ? 
_refine.correlation_coeff_Fo_to_Fc               0.946 
_refine.correlation_coeff_Fo_to_Fc_free          0.919 
_refine.details                                  'HYDROGENS HAVE BEEN ADDED IN THE RIDING POSITIONS' 
_refine.diff_density_max                         ? 
_refine.diff_density_max_esd                     ? 
_refine.diff_density_min                         ? 
_refine.diff_density_min_esd                     ? 
_refine.diff_density_rms                         ? 
_refine.diff_density_rms_esd                     ? 
_refine.entry_id                                 5BZY 
_refine.pdbx_refine_id                           'X-RAY DIFFRACTION' 
_refine.ls_abs_structure_details                 ? 
_refine.ls_abs_structure_Flack                   ? 
_refine.ls_abs_structure_Flack_esd               ? 
_refine.ls_abs_structure_Rogers                  ? 
_refine.ls_abs_structure_Rogers_esd              ? 
_refine.ls_d_res_high                            2.40 
_refine.ls_d_res_low                             40.51 
_refine.ls_extinction_coef                       ? 
_refine.ls_extinction_coef_esd                   ? 
_refine.ls_extinction_expression                 ? 
_refine.ls_extinction_method                     ? 
_refine.ls_goodness_of_fit_all                   ? 
_refine.ls_goodness_of_fit_all_esd               ? 
_refine.ls_goodness_of_fit_obs                   ? 
_refine.ls_goodness_of_fit_obs_esd               ? 
_refine.ls_hydrogen_treatment                    ? 
_refine.ls_matrix_type                           ? 
_refine.ls_number_constraints                    ? 
_refine.ls_number_parameters                     ? 
_refine.ls_number_reflns_all                     ? 
_refine.ls_number_reflns_obs                     1898 
_refine.ls_number_reflns_R_free                  194 
_refine.ls_number_reflns_R_work                  ? 
_refine.ls_number_restraints                     ? 
_refine.ls_percent_reflns_obs                    97.67 
_refine.ls_percent_reflns_R_free                 9.3 
_refine.ls_R_factor_all                          ? 
_refine.ls_R_factor_obs                          0.25046 
_refine.ls_R_factor_R_free                       0.31275 
_refine.ls_R_factor_R_free_error                 ? 
_refine.ls_R_factor_R_free_error_details         ? 
_refine.ls_R_factor_R_work                       0.24536 
_refine.ls_R_Fsqd_factor_obs                     ? 
_refine.ls_R_I_factor_obs                        ? 
_refine.ls_redundancy_reflns_all                 ? 
_refine.ls_redundancy_reflns_obs                 ? 
_refine.ls_restrained_S_all                      ? 
_refine.ls_restrained_S_obs                      ? 
_refine.ls_shift_over_esd_max                    ? 
_refine.ls_shift_over_esd_mean                   ? 
_refine.ls_structure_factor_coef                 ? 
_refine.ls_weighting_details                     ? 
_refine.ls_weighting_scheme                      ? 
_refine.ls_wR_factor_all                         ? 
_refine.ls_wR_factor_obs                         ? 
_refine.ls_wR_factor_R_free                      ? 
_refine.ls_wR_factor_R_work                      ? 
_refine.occupancy_max                            ? 
_refine.occupancy_min                            ? 
_refine.solvent_model_details                    MASK 
_refine.solvent_model_param_bsol                 ? 
_refine.solvent_model_param_ksol                 ? 
_refine.ls_R_factor_gt                           ? 
_refine.ls_goodness_of_fit_gt                    ? 
_refine.ls_goodness_of_fit_ref                   ? 
_refine.ls_shift_over_su_max                     ? 
_refine.ls_shift_over_su_max_lt                  ? 
_refine.ls_shift_over_su_mean                    ? 
_refine.ls_shift_over_su_mean_lt                 ? 
_refine.pdbx_ls_sigma_I                          ? 
_refine.pdbx_ls_sigma_F                          ? 
_refine.pdbx_ls_sigma_Fsqd                       ? 
_refine.pdbx_data_cutoff_high_absF               ? 
_refine.pdbx_data_cutoff_high_rms_absF           ? 
_refine.pdbx_data_cutoff_low_absF                ? 
_refine.pdbx_isotropic_thermal_model             ? 
_refine.pdbx_ls_cross_valid_method               THROUGHOUT 
_refine.pdbx_method_to_determine_struct          'MOLECULAR REPLACEMENT' 
_refine.pdbx_starting_model                      5BXW 
_refine.pdbx_stereochemistry_target_values       'MAXIMUM LIKELIHOOD' 
_refine.pdbx_R_Free_selection_details            RANDOM 
_refine.pdbx_stereochem_target_val_spec_case     ? 
_refine.pdbx_overall_ESU_R                       ? 
_refine.pdbx_overall_ESU_R_Free                  0.311 
_refine.pdbx_solvent_vdw_probe_radii             1.30 
_refine.pdbx_solvent_ion_probe_radii             0.90 
_refine.pdbx_solvent_shrinkage_radii             0.90 
_refine.pdbx_real_space_R                        ? 
_refine.pdbx_density_correlation                 ? 
_refine.pdbx_pd_number_of_powder_patterns        ? 
_refine.pdbx_pd_number_of_points                 ? 
_refine.pdbx_pd_meas_number_of_points            ? 
_refine.pdbx_pd_proc_ls_prof_R_factor            ? 
_refine.pdbx_pd_proc_ls_prof_wR_factor           ? 
_refine.pdbx_pd_Marquardt_correlation_coeff      ? 
_refine.pdbx_pd_Fsqrd_R_factor                   ? 
_refine.pdbx_pd_ls_matrix_band_width             ? 
_refine.pdbx_overall_phase_error                 ? 
_refine.pdbx_overall_SU_R_free_Cruickshank_DPI   ? 
_refine.pdbx_overall_SU_R_free_Blow_DPI          ? 
_refine.pdbx_overall_SU_R_Blow_DPI               ? 
_refine.pdbx_TLS_residual_ADP_flag               ? 
_refine.pdbx_diffrn_id                           1 
_refine.overall_SU_B                             ? 
_refine.overall_SU_ML                            ? 
_refine.overall_SU_R_Cruickshank_DPI             ? 
_refine.overall_SU_R_free                        ? 
_refine.overall_FOM_free_R_set                   ? 
_refine.overall_FOM_work_R_set                   ? 
_refine.pdbx_average_fsc_overall                 ? 
_refine.pdbx_average_fsc_work                    ? 
_refine.pdbx_average_fsc_free                    ? 
# 
_refine_hist.pdbx_refine_id                   'X-RAY DIFFRACTION' 
_refine_hist.cycle_id                         1 
_refine_hist.pdbx_number_atoms_protein        0 
_refine_hist.pdbx_number_atoms_nucleic_acid   293 
_refine_hist.pdbx_number_atoms_ligand         2 
_refine_hist.number_atoms_solvent             6 
_refine_hist.number_atoms_total               301 
_refine_hist.d_res_high                       2.40 
_refine_hist.d_res_low                        40.51 
# 
loop_
_refine_ls_restr.pdbx_refine_id 
_refine_ls_restr.criterion 
_refine_ls_restr.dev_ideal 
_refine_ls_restr.dev_ideal_target 
_refine_ls_restr.number 
_refine_ls_restr.rejects 
_refine_ls_restr.type 
_refine_ls_restr.weight 
_refine_ls_restr.pdbx_restraint_function 
'X-RAY DIFFRACTION' ? 0.005  0.011 331 ? r_bond_refined_d             ? ? 
'X-RAY DIFFRACTION' ? 0.001  0.020 158 ? r_bond_other_d               ? ? 
'X-RAY DIFFRACTION' ? 1.220  1.150 511 ? r_angle_refined_deg          ? ? 
'X-RAY DIFFRACTION' ? 2.817  3.000 374 ? r_angle_other_deg            ? ? 
'X-RAY DIFFRACTION' ? ?      ?     ?   ? r_dihedral_angle_1_deg       ? ? 
'X-RAY DIFFRACTION' ? ?      ?     ?   ? r_dihedral_angle_2_deg       ? ? 
'X-RAY DIFFRACTION' ? ?      ?     ?   ? r_dihedral_angle_3_deg       ? ? 
'X-RAY DIFFRACTION' ? ?      ?     ?   ? r_dihedral_angle_4_deg       ? ? 
'X-RAY DIFFRACTION' ? 0.135  0.200 42  ? r_chiral_restr               ? ? 
'X-RAY DIFFRACTION' ? 0.008  0.020 176 ? r_gen_planes_refined         ? ? 
'X-RAY DIFFRACTION' ? 0.007  0.020 70  ? r_gen_planes_other           ? ? 
'X-RAY DIFFRACTION' ? ?      ?     ?   ? r_nbd_refined                ? ? 
'X-RAY DIFFRACTION' ? ?      ?     ?   ? r_nbd_other                  ? ? 
'X-RAY DIFFRACTION' ? ?      ?     ?   ? r_nbtor_refined              ? ? 
'X-RAY DIFFRACTION' ? ?      ?     ?   ? r_nbtor_other                ? ? 
'X-RAY DIFFRACTION' ? ?      ?     ?   ? r_xyhbond_nbd_refined        ? ? 
'X-RAY DIFFRACTION' ? ?      ?     ?   ? r_xyhbond_nbd_other          ? ? 
'X-RAY DIFFRACTION' ? ?      ?     ?   ? r_metal_ion_refined          ? ? 
'X-RAY DIFFRACTION' ? ?      ?     ?   ? r_metal_ion_other            ? ? 
'X-RAY DIFFRACTION' ? ?      ?     ?   ? r_symmetry_vdw_refined       ? ? 
'X-RAY DIFFRACTION' ? ?      ?     ?   ? r_symmetry_vdw_other         ? ? 
'X-RAY DIFFRACTION' ? ?      ?     ?   ? r_symmetry_hbond_refined     ? ? 
'X-RAY DIFFRACTION' ? ?      ?     ?   ? r_symmetry_hbond_other       ? ? 
'X-RAY DIFFRACTION' ? ?      ?     ?   ? r_symmetry_metal_ion_refined ? ? 
'X-RAY DIFFRACTION' ? ?      ?     ?   ? r_symmetry_metal_ion_other   ? ? 
'X-RAY DIFFRACTION' ? ?      ?     ?   ? r_mcbond_it                  ? ? 
'X-RAY DIFFRACTION' ? ?      ?     ?   ? r_mcbond_other               ? ? 
'X-RAY DIFFRACTION' ? ?      ?     ?   ? r_mcangle_it                 ? ? 
'X-RAY DIFFRACTION' ? ?      ?     ?   ? r_mcangle_other              ? ? 
'X-RAY DIFFRACTION' ? 0.740  5.092 330 ? r_scbond_it                  ? ? 
'X-RAY DIFFRACTION' ? 0.739  ?     331 ? r_scbond_other               ? ? 
'X-RAY DIFFRACTION' ? ?      ?     ?   ? r_scangle_it                 ? ? 
'X-RAY DIFFRACTION' ? 1.263  7.662 511 ? r_scangle_other              ? ? 
'X-RAY DIFFRACTION' ? 1.922  ?     490 ? r_long_range_B_refined       ? ? 
'X-RAY DIFFRACTION' ? 1.923  ?     491 ? r_long_range_B_other         ? ? 
'X-RAY DIFFRACTION' ? 1.134  3.000 330 ? r_rigid_bond_restr           ? ? 
'X-RAY DIFFRACTION' ? ?      ?     ?   ? r_sphericity_free            ? ? 
'X-RAY DIFFRACTION' ? 34.367 5.000 293 ? r_sphericity_bonded          ? ? 
# 
_refine_ls_shell.pdbx_refine_id                   'X-RAY DIFFRACTION' 
_refine_ls_shell.d_res_high                       2.400 
_refine_ls_shell.d_res_low                        2.463 
_refine_ls_shell.number_reflns_all                ? 
_refine_ls_shell.number_reflns_obs                ? 
_refine_ls_shell.number_reflns_R_free             21 
_refine_ls_shell.number_reflns_R_work             117 
_refine_ls_shell.percent_reflns_obs               100.00 
_refine_ls_shell.percent_reflns_R_free            ? 
_refine_ls_shell.R_factor_all                     ? 
_refine_ls_shell.R_factor_obs                     ? 
_refine_ls_shell.R_factor_R_free                  0.641 
_refine_ls_shell.R_factor_R_free_error            ? 
_refine_ls_shell.R_factor_R_work                  0.523 
_refine_ls_shell.redundancy_reflns_all            ? 
_refine_ls_shell.redundancy_reflns_obs            ? 
_refine_ls_shell.wR_factor_all                    ? 
_refine_ls_shell.wR_factor_obs                    ? 
_refine_ls_shell.wR_factor_R_free                 ? 
_refine_ls_shell.wR_factor_R_work                 ? 
_refine_ls_shell.pdbx_total_number_of_bins_used   20 
_refine_ls_shell.pdbx_phase_error                 ? 
_refine_ls_shell.pdbx_fsc_work                    ? 
_refine_ls_shell.pdbx_fsc_free                    ? 
# 
_struct.entry_id                     5BZY 
_struct.title                        'X-ray crystal structure of a continuously hydrogen bonded 14mer DNA lattice.' 
_struct.pdbx_model_details           ? 
_struct.pdbx_formula_weight          ? 
_struct.pdbx_formula_weight_method   ? 
_struct.pdbx_model_type_details      ? 
_struct.pdbx_CASP_flag               ? 
# 
_struct_keywords.entry_id        5BZY 
_struct_keywords.text            'DNA crystal structure, self-assembly, non-canonical base pairs, DNA' 
_struct_keywords.pdbx_keywords   DNA 
# 
loop_
_struct_asym.id 
_struct_asym.pdbx_blank_PDB_chainid_flag 
_struct_asym.pdbx_modified 
_struct_asym.entity_id 
_struct_asym.details 
A N N 1 ? 
B N N 2 ? 
C N N 2 ? 
D N N 3 ? 
# 
loop_
_struct_conn.id 
_struct_conn.conn_type_id 
_struct_conn.pdbx_leaving_atom_flag 
_struct_conn.pdbx_PDB_id 
_struct_conn.ptnr1_label_asym_id 
_struct_conn.ptnr1_label_comp_id 
_struct_conn.ptnr1_label_seq_id 
_struct_conn.ptnr1_label_atom_id 
_struct_conn.pdbx_ptnr1_label_alt_id 
_struct_conn.pdbx_ptnr1_PDB_ins_code 
_struct_conn.pdbx_ptnr1_standard_comp_id 
_struct_conn.ptnr1_symmetry 
_struct_conn.ptnr2_label_asym_id 
_struct_conn.ptnr2_label_comp_id 
_struct_conn.ptnr2_label_seq_id 
_struct_conn.ptnr2_label_atom_id 
_struct_conn.pdbx_ptnr2_label_alt_id 
_struct_conn.pdbx_ptnr2_PDB_ins_code 
_struct_conn.ptnr1_auth_asym_id 
_struct_conn.ptnr1_auth_comp_id 
_struct_conn.ptnr1_auth_seq_id 
_struct_conn.ptnr2_auth_asym_id 
_struct_conn.ptnr2_auth_comp_id 
_struct_conn.ptnr2_auth_seq_id 
_struct_conn.ptnr2_symmetry 
_struct_conn.pdbx_ptnr3_label_atom_id 
_struct_conn.pdbx_ptnr3_label_seq_id 
_struct_conn.pdbx_ptnr3_label_comp_id 
_struct_conn.pdbx_ptnr3_label_asym_id 
_struct_conn.pdbx_ptnr3_label_alt_id 
_struct_conn.pdbx_ptnr3_PDB_ins_code 
_struct_conn.details 
_struct_conn.pdbx_dist_value 
_struct_conn.pdbx_value_order 
_struct_conn.pdbx_role 
metalc1  metalc ? ? A DG 13 OP1 ? ? ? 1_555 B MG  .  MG ? ? A DG 13  A MG  101 1_555 ? ? ? ? ? ? ?            2.927 ? ? 
metalc2  metalc ? ? B MG .  MG  ? ? ? 1_555 D HOH .  O  ? ? A MG 101 A HOH 205 4_547 ? ? ? ? ? ? ?            2.334 ? ? 
hydrog1  hydrog ? ? A DG 1  N1  ? ? ? 1_555 A DG  11 N7 ? ? A DG 1   A DG  11  6_767 ? ? ? ? ? ? TYPE_7_PAIR  ?     ? ? 
hydrog2  hydrog ? ? A DG 1  N2  ? ? ? 1_555 A DG  11 O6 ? ? A DG 1   A DG  11  6_767 ? ? ? ? ? ? TYPE_7_PAIR  ?     ? ? 
hydrog3  hydrog ? ? A DA 3  N6  ? ? ? 1_555 A DG  10 N3 ? ? A DA 3   A DG  10  6_767 ? ? ? ? ? ? TYPE_11_PAIR ?     ? ? 
hydrog4  hydrog ? ? A DA 3  N7  ? ? ? 1_555 A DG  10 N2 ? ? A DA 3   A DG  10  6_767 ? ? ? ? ? ? TYPE_11_PAIR ?     ? ? 
hydrog5  hydrog ? ? A DA 4  N1  ? ? ? 1_555 A DT  9  N3 ? ? A DA 4   A DT  9   6_767 ? ? ? ? ? ? WATSON-CRICK ?     ? ? 
hydrog6  hydrog ? ? A DA 4  N6  ? ? ? 1_555 A DT  9  O4 ? ? A DA 4   A DT  9   6_767 ? ? ? ? ? ? WATSON-CRICK ?     ? ? 
hydrog7  hydrog ? ? A DA 5  N1  ? ? ? 1_555 A DT  8  N3 ? ? A DA 5   A DT  8   6_767 ? ? ? ? ? ? WATSON-CRICK ?     ? ? 
hydrog8  hydrog ? ? A DA 5  N6  ? ? ? 1_555 A DT  8  O4 ? ? A DA 5   A DT  8   6_767 ? ? ? ? ? ? WATSON-CRICK ?     ? ? 
hydrog9  hydrog ? ? A DT 6  N3  ? ? ? 1_555 A DA  7  N1 ? ? A DT 6   A DA  7   6_767 ? ? ? ? ? ? WATSON-CRICK ?     ? ? 
hydrog10 hydrog ? ? A DT 6  O4  ? ? ? 1_555 A DA  7  N6 ? ? A DT 6   A DA  7   6_767 ? ? ? ? ? ? WATSON-CRICK ?     ? ? 
hydrog11 hydrog ? ? A DA 7  N1  ? ? ? 1_555 A DT  6  N3 ? ? A DA 7   A DT  6   6_767 ? ? ? ? ? ? WATSON-CRICK ?     ? ? 
hydrog12 hydrog ? ? A DA 7  N6  ? ? ? 1_555 A DT  6  O4 ? ? A DA 7   A DT  6   6_767 ? ? ? ? ? ? WATSON-CRICK ?     ? ? 
hydrog13 hydrog ? ? A DT 8  N3  ? ? ? 1_555 A DA  5  N1 ? ? A DT 8   A DA  5   6_767 ? ? ? ? ? ? WATSON-CRICK ?     ? ? 
hydrog14 hydrog ? ? A DT 8  O4  ? ? ? 1_555 A DA  5  N6 ? ? A DT 8   A DA  5   6_767 ? ? ? ? ? ? WATSON-CRICK ?     ? ? 
hydrog15 hydrog ? ? A DT 9  N3  ? ? ? 1_555 A DA  4  N1 ? ? A DT 9   A DA  4   6_767 ? ? ? ? ? ? WATSON-CRICK ?     ? ? 
hydrog16 hydrog ? ? A DT 9  O4  ? ? ? 1_555 A DA  4  N6 ? ? A DT 9   A DA  4   6_767 ? ? ? ? ? ? WATSON-CRICK ?     ? ? 
hydrog17 hydrog ? ? A DG 10 N2  ? ? ? 1_555 A DA  3  N7 ? ? A DG 10  A DA  3   6_767 ? ? ? ? ? ? TYPE_11_PAIR ?     ? ? 
hydrog18 hydrog ? ? A DG 10 N3  ? ? ? 1_555 A DA  3  N6 ? ? A DG 10  A DA  3   6_767 ? ? ? ? ? ? TYPE_11_PAIR ?     ? ? 
hydrog19 hydrog ? ? A DG 11 N7  ? ? ? 1_555 A DG  1  N1 ? ? A DG 11  A DG  1   6_767 ? ? ? ? ? ? TYPE_7_PAIR  ?     ? ? 
hydrog20 hydrog ? ? A DG 11 O6  ? ? ? 1_555 A DG  1  N2 ? ? A DG 11  A DG  1   6_767 ? ? ? ? ? ? TYPE_7_PAIR  ?     ? ? 
# 
loop_
_struct_conn_type.id 
_struct_conn_type.criteria 
_struct_conn_type.reference 
metalc ? ? 
hydrog ? ? 
# 
_struct_site.id                   AC1 
_struct_site.pdbx_evidence_code   Software 
_struct_site.pdbx_auth_asym_id    A 
_struct_site.pdbx_auth_comp_id    MG 
_struct_site.pdbx_auth_seq_id     101 
_struct_site.pdbx_auth_ins_code   ? 
_struct_site.pdbx_num_residues    2 
_struct_site.details              'binding site for residue MG A 101' 
# 
loop_
_struct_site_gen.id 
_struct_site_gen.site_id 
_struct_site_gen.pdbx_num_res 
_struct_site_gen.label_comp_id 
_struct_site_gen.label_asym_id 
_struct_site_gen.label_seq_id 
_struct_site_gen.pdbx_auth_ins_code 
_struct_site_gen.auth_comp_id 
_struct_site_gen.auth_asym_id 
_struct_site_gen.auth_seq_id 
_struct_site_gen.label_atom_id 
_struct_site_gen.label_alt_id 
_struct_site_gen.symmetry 
_struct_site_gen.details 
1 AC1 2 DG  A 13 ? DG  A 13  . ? 1_555 ? 
2 AC1 2 HOH D .  ? HOH A 205 . ? 4_547 ? 
# 
_atom_sites.entry_id                    5BZY 
_atom_sites.fract_transf_matrix[1][1]   0.03734604 
_atom_sites.fract_transf_matrix[1][2]   -0.01830815 
_atom_sites.fract_transf_matrix[1][3]   0.01577625 
_atom_sites.fract_transf_matrix[2][1]   0.02998159 
_atom_sites.fract_transf_matrix[2][2]   -0.01707594 
_atom_sites.fract_transf_matrix[2][3]   -0.02807586 
_atom_sites.fract_transf_matrix[3][1]   0.00376148 
_atom_sites.fract_transf_matrix[3][2]   0.00730544 
_atom_sites.fract_transf_matrix[3][3]   -0.00042642 
_atom_sites.fract_transf_vector[1]      0.867031 
_atom_sites.fract_transf_vector[2]      -0.137396 
_atom_sites.fract_transf_vector[3]      1.135051 
# 
loop_
_atom_type.symbol 
C  
MG 
N  
O  
P  
# 
loop_
_atom_site.group_PDB 
_atom_site.id 
_atom_site.type_symbol 
_atom_site.label_atom_id 
_atom_site.label_alt_id 
_atom_site.label_comp_id 
_atom_site.label_asym_id 
_atom_site.label_entity_id 
_atom_site.label_seq_id 
_atom_site.pdbx_PDB_ins_code 
_atom_site.Cartn_x 
_atom_site.Cartn_y 
_atom_site.Cartn_z 
_atom_site.occupancy 
_atom_site.B_iso_or_equiv 
_atom_site.pdbx_formal_charge 
_atom_site.auth_seq_id 
_atom_site.auth_comp_id 
_atom_site.auth_asym_id 
_atom_site.auth_atom_id 
_atom_site.pdbx_PDB_model_num 
ATOM   1   O  "O5'" . DG  A 1 1  ? 11.262  22.007  2.710   1.00 46.26 ? 1   DG  A "O5'" 1 
ATOM   2   C  "C5'" . DG  A 1 1  ? 11.203  22.501  1.346   1.00 46.54 ? 1   DG  A "C5'" 1 
ATOM   3   C  "C4'" . DG  A 1 1  ? 11.262  21.347  0.375   1.00 46.21 ? 1   DG  A "C4'" 1 
ATOM   4   O  "O4'" . DG  A 1 1  ? 12.469  20.551  0.390   1.00 44.98 ? 1   DG  A "O4'" 1 
ATOM   5   C  "C3'" . DG  A 1 1  ? 10.098  20.376  0.225   1.00 46.38 ? 1   DG  A "C3'" 1 
ATOM   6   O  "O3'" . DG  A 1 1  ? 9.870   20.087  -1.163  1.00 48.89 ? 1   DG  A "O3'" 1 
ATOM   7   C  "C2'" . DG  A 1 1  ? 10.627  19.150  0.947   1.00 44.79 ? 1   DG  A "C2'" 1 
ATOM   8   C  "C1'" . DG  A 1 1  ? 12.109  19.178  0.569   1.00 44.50 ? 1   DG  A "C1'" 1 
ATOM   9   N  N9    . DG  A 1 1  ? 13.023  18.609  1.550   1.00 43.03 ? 1   DG  A N9    1 
ATOM   10  C  C8    . DG  A 1 1  ? 12.930  18.663  2.920   1.00 42.59 ? 1   DG  A C8    1 
ATOM   11  N  N7    . DG  A 1 1  ? 13.937  18.093  3.523   1.00 42.58 ? 1   DG  A N7    1 
ATOM   12  C  C5    . DG  A 1 1  ? 14.749  17.649  2.489   1.00 42.47 ? 1   DG  A C5    1 
ATOM   13  C  C6    . DG  A 1 1  ? 15.979  16.949  2.525   1.00 43.34 ? 1   DG  A C6    1 
ATOM   14  O  O6    . DG  A 1 1  ? 16.621  16.571  3.512   1.00 44.53 ? 1   DG  A O6    1 
ATOM   15  N  N1    . DG  A 1 1  ? 16.462  16.697  1.244   1.00 43.84 ? 1   DG  A N1    1 
ATOM   16  C  C2    . DG  A 1 1  ? 15.839  17.069  0.078   1.00 43.73 ? 1   DG  A C2    1 
ATOM   17  N  N2    . DG  A 1 1  ? 16.463  16.748  -1.059  1.00 45.46 ? 1   DG  A N2    1 
ATOM   18  N  N3    . DG  A 1 1  ? 14.692  17.722  0.031   1.00 43.71 ? 1   DG  A N3    1 
ATOM   19  C  C4    . DG  A 1 1  ? 14.203  17.969  1.266   1.00 43.14 ? 1   DG  A C4    1 
ATOM   20  P  P     . DG  A 1 2  ? 8.576   19.221  -1.608  1.00 51.16 ? 2   DG  A P     1 
ATOM   21  O  OP1   . DG  A 1 2  ? 8.235   19.583  -3.012  1.00 53.41 ? 2   DG  A OP1   1 
ATOM   22  O  OP2   . DG  A 1 2  ? 7.553   19.323  -0.524  1.00 50.09 ? 2   DG  A OP2   1 
ATOM   23  O  "O5'" . DG  A 1 2  ? 9.093   17.709  -1.631  1.00 49.19 ? 2   DG  A "O5'" 1 
ATOM   24  C  "C5'" . DG  A 1 2  ? 10.170  17.297  -2.484  1.00 48.52 ? 2   DG  A "C5'" 1 
ATOM   25  C  "C4'" . DG  A 1 2  ? 10.626  15.909  -2.097  1.00 47.27 ? 2   DG  A "C4'" 1 
ATOM   26  O  "O4'" . DG  A 1 2  ? 11.145  15.929  -0.749  1.00 44.98 ? 2   DG  A "O4'" 1 
ATOM   27  C  "C3'" . DG  A 1 2  ? 9.525   14.855  -2.079  1.00 46.99 ? 2   DG  A "C3'" 1 
ATOM   28  O  "O3'" . DG  A 1 2  ? 10.094  13.582  -2.388  1.00 47.89 ? 2   DG  A "O3'" 1 
ATOM   29  C  "C2'" . DG  A 1 2  ? 9.087   14.853  -0.630  1.00 45.04 ? 2   DG  A "C2'" 1 
ATOM   30  C  "C1'" . DG  A 1 2  ? 10.433  14.983  0.038   1.00 44.03 ? 2   DG  A "C1'" 1 
ATOM   31  N  N9    . DG  A 1 2  ? 10.436  15.463  1.412   1.00 42.46 ? 2   DG  A N9    1 
ATOM   32  C  C8    . DG  A 1 2  ? 9.502   16.246  2.045   1.00 41.97 ? 2   DG  A C8    1 
ATOM   33  N  N7    . DG  A 1 2  ? 9.833   16.547  3.270   1.00 41.85 ? 2   DG  A N7    1 
ATOM   34  C  C5    . DG  A 1 2  ? 11.059  15.923  3.457   1.00 41.41 ? 2   DG  A C5    1 
ATOM   35  C  C6    . DG  A 1 2  ? 11.912  15.890  4.590   1.00 41.76 ? 2   DG  A C6    1 
ATOM   36  O  O6    . DG  A 1 2  ? 11.740  16.412  5.699   1.00 42.31 ? 2   DG  A O6    1 
ATOM   37  N  N1    . DG  A 1 2  ? 13.062  15.144  4.342   1.00 42.05 ? 2   DG  A N1    1 
ATOM   38  C  C2    . DG  A 1 2  ? 13.359  14.521  3.153   1.00 42.05 ? 2   DG  A C2    1 
ATOM   39  N  N2    . DG  A 1 2  ? 14.519  13.846  3.103   1.00 42.56 ? 2   DG  A N2    1 
ATOM   40  N  N3    . DG  A 1 2  ? 12.574  14.550  2.092   1.00 41.95 ? 2   DG  A N3    1 
ATOM   41  C  C4    . DG  A 1 2  ? 11.450  15.262  2.314   1.00 41.53 ? 2   DG  A C4    1 
ATOM   42  P  P     . DA  A 1 3  ? 9.927   12.987  -3.844  1.00 50.33 ? 3   DA  A P     1 
ATOM   43  O  OP1   . DA  A 1 3  ? 10.125  14.107  -4.801  1.00 51.72 ? 3   DA  A OP1   1 
ATOM   44  O  OP2   . DA  A 1 3  ? 8.689   12.178  -3.862  1.00 49.21 ? 3   DA  A OP2   1 
ATOM   45  O  "O5'" . DA  A 1 3  ? 11.167  12.000  -3.981  1.00 50.10 ? 3   DA  A "O5'" 1 
ATOM   46  C  "C5'" . DA  A 1 3  ? 12.376  12.465  -4.583  1.00 50.98 ? 3   DA  A "C5'" 1 
ATOM   47  C  "C4'" . DA  A 1 3  ? 13.475  11.474  -4.300  1.00 51.90 ? 3   DA  A "C4'" 1 
ATOM   48  O  "O4'" . DA  A 1 3  ? 13.768  11.492  -2.887  1.00 49.91 ? 3   DA  A "O4'" 1 
ATOM   49  C  "C3'" . DA  A 1 3  ? 13.129  10.026  -4.633  1.00 52.59 ? 3   DA  A "C3'" 1 
ATOM   50  O  "O3'" . DA  A 1 3  ? 14.307  9.395   -5.136  1.00 55.37 ? 3   DA  A "O3'" 1 
ATOM   51  C  "C2'" . DA  A 1 3  ? 12.694  9.451   -3.295  1.00 50.28 ? 3   DA  A "C2'" 1 
ATOM   52  C  "C1'" . DA  A 1 3  ? 13.579  10.205  -2.324  1.00 49.81 ? 3   DA  A "C1'" 1 
ATOM   53  N  N9    . DA  A 1 3  ? 13.020  10.391  -0.988  1.00 47.91 ? 3   DA  A N9    1 
ATOM   54  C  C8    . DA  A 1 3  ? 11.945  11.164  -0.619  1.00 46.15 ? 3   DA  A C8    1 
ATOM   55  N  N7    . DA  A 1 3  ? 11.707  11.156  0.671   1.00 45.38 ? 3   DA  A N7    1 
ATOM   56  C  C5    . DA  A 1 3  ? 12.691  10.324  1.187   1.00 46.43 ? 3   DA  A C5    1 
ATOM   57  C  C6    . DA  A 1 3  ? 12.987  9.907   2.496   1.00 46.71 ? 3   DA  A C6    1 
ATOM   58  N  N6    . DA  A 1 3  ? 12.281  10.277  3.566   1.00 46.47 ? 3   DA  A N6    1 
ATOM   59  N  N1    . DA  A 1 3  ? 14.046  9.086   2.671   1.00 48.32 ? 3   DA  A N1    1 
ATOM   60  C  C2    . DA  A 1 3  ? 14.758  8.720   1.594   1.00 49.70 ? 3   DA  A C2    1 
ATOM   61  N  N3    . DA  A 1 3  ? 14.579  9.044   0.314   1.00 49.66 ? 3   DA  A N3    1 
ATOM   62  C  C4    . DA  A 1 3  ? 13.517  9.859   0.177   1.00 48.03 ? 3   DA  A C4    1 
ATOM   63  P  P     . DA  A 1 4  ? 14.196  8.037   -5.977  1.00 58.40 ? 4   DA  A P     1 
ATOM   64  O  OP1   . DA  A 1 4  ? 15.487  7.860   -6.706  1.00 61.87 ? 4   DA  A OP1   1 
ATOM   65  O  OP2   . DA  A 1 4  ? 12.908  8.046   -6.715  1.00 57.86 ? 4   DA  A OP2   1 
ATOM   66  O  "O5'" . DA  A 1 4  ? 14.084  6.914   -4.855  1.00 56.77 ? 4   DA  A "O5'" 1 
ATOM   67  C  "C5'" . DA  A 1 4  ? 15.156  6.741   -3.922  1.00 57.80 ? 4   DA  A "C5'" 1 
ATOM   68  C  "C4'" . DA  A 1 4  ? 14.722  5.815   -2.817  1.00 56.69 ? 4   DA  A "C4'" 1 
ATOM   69  O  "O4'" . DA  A 1 4  ? 13.766  6.482   -1.959  1.00 54.07 ? 4   DA  A "O4'" 1 
ATOM   70  C  "C3'" . DA  A 1 4  ? 14.026  4.538   -3.284  1.00 57.72 ? 4   DA  A "C3'" 1 
ATOM   71  O  "O3'" . DA  A 1 4  ? 14.351  3.586   -2.288  1.00 59.64 ? 4   DA  A "O3'" 1 
ATOM   72  C  "C2'" . DA  A 1 4  ? 12.552  4.857   -3.123  1.00 54.32 ? 4   DA  A "C2'" 1 
ATOM   73  C  "C1'" . DA  A 1 4  ? 12.595  5.677   -1.852  1.00 52.04 ? 4   DA  A "C1'" 1 
ATOM   74  N  N9    . DA  A 1 4  ? 11.462  6.566   -1.635  1.00 48.58 ? 4   DA  A N9    1 
ATOM   75  C  C8    . DA  A 1 4  ? 10.602  7.129   -2.547  1.00 47.40 ? 4   DA  A C8    1 
ATOM   76  N  N7    . DA  A 1 4  ? 9.701   7.912   -2.007  1.00 45.97 ? 4   DA  A N7    1 
ATOM   77  C  C5    . DA  A 1 4  ? 9.981   7.856   -0.647  1.00 45.51 ? 4   DA  A C5    1 
ATOM   78  C  C6    . DA  A 1 4  ? 9.372   8.453   0.471   1.00 44.06 ? 4   DA  A C6    1 
ATOM   79  N  N6    . DA  A 1 4  ? 8.318   9.263   0.393   1.00 43.57 ? 4   DA  A N6    1 
ATOM   80  N  N1    . DA  A 1 4  ? 9.893   8.185   1.689   1.00 44.26 ? 4   DA  A N1    1 
ATOM   81  C  C2    . DA  A 1 4  ? 10.959  7.377   1.768   1.00 45.78 ? 4   DA  A C2    1 
ATOM   82  N  N3    . DA  A 1 4  ? 11.610  6.746   0.791   1.00 47.39 ? 4   DA  A N3    1 
ATOM   83  C  C4    . DA  A 1 4  ? 11.065  7.032   -0.406  1.00 47.31 ? 4   DA  A C4    1 
ATOM   84  P  P     . DA  A 1 5  ? 14.384  2.059   -2.609  1.00 62.05 ? 5   DA  A P     1 
ATOM   85  O  OP1   . DA  A 1 5  ? 15.689  1.772   -3.270  1.00 65.50 ? 5   DA  A OP1   1 
ATOM   86  O  OP2   . DA  A 1 5  ? 13.110  1.701   -3.284  1.00 60.82 ? 5   DA  A OP2   1 
ATOM   87  O  "O5'" . DA  A 1 5  ? 14.392  1.447   -1.139  1.00 61.77 ? 5   DA  A "O5'" 1 
ATOM   88  C  "C5'" . DA  A 1 5  ? 15.212  2.045   -0.104  1.00 61.73 ? 5   DA  A "C5'" 1 
ATOM   89  C  "C4'" . DA  A 1 5  ? 14.563  1.860   1.248   1.00 60.24 ? 5   DA  A "C4'" 1 
ATOM   90  O  "O4'" . DA  A 1 5  ? 13.482  2.808   1.423   1.00 56.66 ? 5   DA  A "O4'" 1 
ATOM   91  C  "C3'" . DA  A 1 5  ? 13.953  0.476   1.465   1.00 60.67 ? 5   DA  A "C3'" 1 
ATOM   92  O  "O3'" . DA  A 1 5  ? 14.335  0.008   2.757   1.00 63.54 ? 5   DA  A "O3'" 1 
ATOM   93  C  "C2'" . DA  A 1 5  ? 12.463  0.704   1.269   1.00 56.96 ? 5   DA  A "C2'" 1 
ATOM   94  C  "C1'" . DA  A 1 5  ? 12.280  2.127   1.758   1.00 54.72 ? 5   DA  A "C1'" 1 
ATOM   95  N  N9    . DA  A 1 5  ? 11.168  2.868   1.161   1.00 51.32 ? 5   DA  A N9    1 
ATOM   96  C  C8    . DA  A 1 5  ? 10.805  2.948   -0.163  1.00 50.36 ? 5   DA  A C8    1 
ATOM   97  N  N7    . DA  A 1 5  ? 9.772   3.725   -0.381  1.00 47.82 ? 5   DA  A N7    1 
ATOM   98  C  C5    . DA  A 1 5  ? 9.446   4.206   0.878   1.00 47.17 ? 5   DA  A C5    1 
ATOM   99  C  C6    . DA  A 1 5  ? 8.445   5.083   1.323   1.00 45.94 ? 5   DA  A C6    1 
ATOM   100 N  N6    . DA  A 1 5  ? 7.555   5.659   0.514   1.00 45.52 ? 5   DA  A N6    1 
ATOM   101 N  N1    . DA  A 1 5  ? 8.378   5.342   2.648   1.00 46.32 ? 5   DA  A N1    1 
ATOM   102 C  C2    . DA  A 1 5  ? 9.275   4.767   3.460   1.00 47.63 ? 5   DA  A C2    1 
ATOM   103 N  N3    . DA  A 1 5  ? 10.274  3.939   3.157   1.00 48.87 ? 5   DA  A N3    1 
ATOM   104 C  C4    . DA  A 1 5  ? 10.303  3.694   1.836   1.00 49.00 ? 5   DA  A C4    1 
ATOM   105 P  P     . DT  A 1 6  ? 13.838  -1.421  3.266   1.00 66.72 ? 6   DT  A P     1 
ATOM   106 O  OP1   . DT  A 1 6  ? 14.881  -1.960  4.183   1.00 70.03 ? 6   DT  A OP1   1 
ATOM   107 O  OP2   . DT  A 1 6  ? 13.386  -2.220  2.089   1.00 66.09 ? 6   DT  A OP2   1 
ATOM   108 O  "O5'" . DT  A 1 6  ? 12.539  -1.058  4.118   1.00 64.03 ? 6   DT  A "O5'" 1 
ATOM   109 C  "C5'" . DT  A 1 6  ? 12.606  -0.039  5.135   1.00 63.07 ? 6   DT  A "C5'" 1 
ATOM   110 C  "C4'" . DT  A 1 6  ? 11.227  0.285   5.656   1.00 60.40 ? 6   DT  A "C4'" 1 
ATOM   111 O  "O4'" . DT  A 1 6  ? 10.468  0.994   4.648   1.00 56.95 ? 6   DT  A "O4'" 1 
ATOM   112 C  "C3'" . DT  A 1 6  ? 10.382  -0.933  6.054   1.00 60.34 ? 6   DT  A "C3'" 1 
ATOM   113 O  "O3'" . DT  A 1 6  ? 10.025  -0.829  7.440   1.00 61.99 ? 6   DT  A "O3'" 1 
ATOM   114 C  "C2'" . DT  A 1 6  ? 9.198   -0.887  5.099   1.00 57.04 ? 6   DT  A "C2'" 1 
ATOM   115 C  "C1'" . DT  A 1 6  ? 9.121   0.584   4.760   1.00 54.42 ? 6   DT  A "C1'" 1 
ATOM   116 N  N1    . DT  A 1 6  ? 8.437   0.925   3.501   1.00 50.95 ? 6   DT  A N1    1 
ATOM   117 C  C2    . DT  A 1 6  ? 7.420   1.850   3.557   1.00 48.82 ? 6   DT  A C2    1 
ATOM   118 O  O2    . DT  A 1 6  ? 7.051   2.372   4.597   1.00 49.67 ? 6   DT  A O2    1 
ATOM   119 N  N3    . DT  A 1 6  ? 6.843   2.143   2.345   1.00 46.93 ? 6   DT  A N3    1 
ATOM   120 C  C4    . DT  A 1 6  ? 7.183   1.620   1.112   1.00 46.82 ? 6   DT  A C4    1 
ATOM   121 O  O4    . DT  A 1 6  ? 6.574   1.976   0.108   1.00 45.69 ? 6   DT  A O4    1 
ATOM   122 C  C5    . DT  A 1 6  ? 8.265   0.660   1.127   1.00 48.51 ? 6   DT  A C5    1 
ATOM   123 C  C7    . DT  A 1 6  ? 8.697   0.036   -0.163  1.00 49.51 ? 6   DT  A C7    1 
ATOM   124 C  C6    . DT  A 1 6  ? 8.832   0.368   2.303   1.00 50.16 ? 6   DT  A C6    1 
ATOM   125 P  P     . DA  A 1 7  ? 9.091   -1.947  8.149   1.00 64.04 ? 7   DA  A P     1 
ATOM   126 O  OP1   . DA  A 1 7  ? 9.555   -2.112  9.551   1.00 67.11 ? 7   DA  A OP1   1 
ATOM   127 O  OP2   . DA  A 1 7  ? 8.989   -3.142  7.253   1.00 62.66 ? 7   DA  A OP2   1 
ATOM   128 O  "O5'" . DA  A 1 7  ? 7.690   -1.205  8.226   1.00 60.40 ? 7   DA  A "O5'" 1 
ATOM   129 C  "C5'" . DA  A 1 7  ? 7.632   0.157   8.670   1.00 58.98 ? 7   DA  A "C5'" 1 
ATOM   130 C  "C4'" . DA  A 1 7  ? 6.191   0.552   8.875   1.00 57.51 ? 7   DA  A "C4'" 1 
ATOM   131 O  "O4'" . DA  A 1 7  ? 5.626   0.954   7.604   1.00 54.34 ? 7   DA  A "O4'" 1 
ATOM   132 C  "C3'" . DA  A 1 7  ? 5.297   -0.578  9.391   1.00 58.04 ? 7   DA  A "C3'" 1 
ATOM   133 O  "O3'" . DA  A 1 7  ? 4.364   0.010   10.302  1.00 59.55 ? 7   DA  A "O3'" 1 
ATOM   134 C  "C2'" . DA  A 1 7  ? 4.707   -1.159  8.117   1.00 55.18 ? 7   DA  A "C2'" 1 
ATOM   135 C  "C1'" . DA  A 1 7  ? 4.570   0.076   7.236   1.00 52.87 ? 7   DA  A "C1'" 1 
ATOM   136 N  N9    . DA  A 1 7  ? 4.672   -0.143  5.799   1.00 49.93 ? 7   DA  A N9    1 
ATOM   137 C  C8    . DA  A 1 7  ? 5.602   -0.884  5.113   1.00 49.49 ? 7   DA  A C8    1 
ATOM   138 N  N7    . DA  A 1 7  ? 5.463   -0.829  3.811   1.00 48.03 ? 7   DA  A N7    1 
ATOM   139 C  C5    . DA  A 1 7  ? 4.374   0.013   3.628   1.00 46.75 ? 7   DA  A C5    1 
ATOM   140 C  C6    . DA  A 1 7  ? 3.726   0.484   2.473   1.00 45.64 ? 7   DA  A C6    1 
ATOM   141 N  N6    . DA  A 1 7  ? 4.086   0.148   1.232   1.00 45.90 ? 7   DA  A N6    1 
ATOM   142 N  N1    . DA  A 1 7  ? 2.678   1.321   2.638   1.00 45.16 ? 7   DA  A N1    1 
ATOM   143 C  C2    . DA  A 1 7  ? 2.321   1.664   3.883   1.00 45.26 ? 7   DA  A C2    1 
ATOM   144 N  N3    . DA  A 1 7  ? 2.863   1.301   5.044   1.00 46.87 ? 7   DA  A N3    1 
ATOM   145 C  C4    . DA  A 1 7  ? 3.890   0.457   4.843   1.00 47.57 ? 7   DA  A C4    1 
ATOM   146 P  P     . DT  A 1 8  ? 3.193   -0.861  10.967  1.00 62.62 ? 8   DT  A P     1 
ATOM   147 O  OP1   . DT  A 1 8  ? 2.882   -0.266  12.295  1.00 64.65 ? 8   DT  A OP1   1 
ATOM   148 O  OP2   . DT  A 1 8  ? 3.564   -2.308  10.880  1.00 62.03 ? 8   DT  A OP2   1 
ATOM   149 O  "O5'" . DT  A 1 8  ? 1.953   -0.509  10.029  1.00 59.47 ? 8   DT  A "O5'" 1 
ATOM   150 C  "C5'" . DT  A 1 8  ? 1.592   0.871   9.800   1.00 57.08 ? 8   DT  A "C5'" 1 
ATOM   151 C  "C4'" . DT  A 1 8  ? 0.294   0.927   9.035   1.00 55.27 ? 8   DT  A "C4'" 1 
ATOM   152 O  "O4'" . DT  A 1 8  ? 0.561   0.697   7.633   1.00 52.48 ? 8   DT  A "O4'" 1 
ATOM   153 C  "C3'" . DT  A 1 8  ? -0.721  -0.140  9.454   1.00 56.45 ? 8   DT  A "C3'" 1 
ATOM   154 O  "O3'" . DT  A 1 8  ? -1.983  0.494   9.668   1.00 58.02 ? 8   DT  A "O3'" 1 
ATOM   155 C  "C2'" . DT  A 1 8  ? -0.695  -1.147  8.312   1.00 53.78 ? 8   DT  A "C2'" 1 
ATOM   156 C  "C1'" . DT  A 1 8  ? -0.339  -0.275  7.124   1.00 50.98 ? 8   DT  A "C1'" 1 
ATOM   157 N  N1    . DT  A 1 8  ? 0.319   -0.940  5.980   1.00 48.01 ? 8   DT  A N1    1 
ATOM   158 C  C2    . DT  A 1 8  ? -0.101  -0.625  4.704   1.00 46.07 ? 8   DT  A C2    1 
ATOM   159 O  O2    . DT  A 1 8  ? -1.012  0.154   4.474   1.00 46.12 ? 8   DT  A O2    1 
ATOM   160 N  N3    . DT  A 1 8  ? 0.582   -1.268  3.700   1.00 44.42 ? 8   DT  A N3    1 
ATOM   161 C  C4    . DT  A 1 8  ? 1.633   -2.157  3.842   1.00 44.75 ? 8   DT  A C4    1 
ATOM   162 O  O4    . DT  A 1 8  ? 2.158   -2.649  2.845   1.00 43.53 ? 8   DT  A O4    1 
ATOM   163 C  C5    . DT  A 1 8  ? 2.028   -2.433  5.206   1.00 46.67 ? 8   DT  A C5    1 
ATOM   164 C  C7    . DT  A 1 8  ? 3.149   -3.391  5.458   1.00 47.82 ? 8   DT  A C7    1 
ATOM   165 C  C6    . DT  A 1 8  ? 1.365   -1.813  6.192   1.00 47.81 ? 8   DT  A C6    1 
ATOM   166 P  P     . DT  A 1 9  ? -3.213  -0.339  10.243  1.00 61.03 ? 9   DT  A P     1 
ATOM   167 O  OP1   . DT  A 1 9  ? -4.048  0.576   11.060  1.00 63.59 ? 9   DT  A OP1   1 
ATOM   168 O  OP2   . DT  A 1 9  ? -2.708  -1.623  10.820  1.00 62.30 ? 9   DT  A OP2   1 
ATOM   169 O  "O5'" . DT  A 1 9  ? -4.007  -0.716  8.918   1.00 57.81 ? 9   DT  A "O5'" 1 
ATOM   170 C  "C5'" . DT  A 1 9  ? -4.585  0.317   8.103   1.00 54.79 ? 9   DT  A "C5'" 1 
ATOM   171 C  "C4'" . DT  A 1 9  ? -5.269  -0.316  6.919   1.00 51.45 ? 9   DT  A "C4'" 1 
ATOM   172 O  "O4'" . DT  A 1 9  ? -4.236  -0.883  6.093   1.00 48.26 ? 9   DT  A "O4'" 1 
ATOM   173 C  "C3'" . DT  A 1 9  ? -6.220  -1.473  7.260   1.00 51.85 ? 9   DT  A "C3'" 1 
ATOM   174 O  "O3'" . DT  A 1 9  ? -7.400  -1.341  6.466   1.00 51.92 ? 9   DT  A "O3'" 1 
ATOM   175 C  "C2'" . DT  A 1 9  ? -5.423  -2.714  6.890   1.00 49.29 ? 9   DT  A "C2'" 1 
ATOM   176 C  "C1'" . DT  A 1 9  ? -4.639  -2.181  5.711   1.00 46.80 ? 9   DT  A "C1'" 1 
ATOM   177 N  N1    . DT  A 1 9  ? -3.441  -2.914  5.288   1.00 44.20 ? 9   DT  A N1    1 
ATOM   178 C  C2    . DT  A 1 9  ? -3.167  -2.926  3.941   1.00 42.23 ? 9   DT  A C2    1 
ATOM   179 O  O2    . DT  A 1 9  ? -3.879  -2.382  3.115   1.00 42.01 ? 9   DT  A O2    1 
ATOM   180 N  N3    . DT  A 1 9  ? -2.025  -3.604  3.595   1.00 41.10 ? 9   DT  A N3    1 
ATOM   181 C  C4    . DT  A 1 9  ? -1.151  -4.252  4.445   1.00 41.77 ? 9   DT  A C4    1 
ATOM   182 O  O4    . DT  A 1 9  ? -0.171  -4.831  3.991   1.00 41.13 ? 9   DT  A O4    1 
ATOM   183 C  C5    . DT  A 1 9  ? -1.489  -4.179  5.849   1.00 43.94 ? 9   DT  A C5    1 
ATOM   184 C  C7    . DT  A 1 9  ? -0.599  -4.851  6.846   1.00 45.59 ? 9   DT  A C7    1 
ATOM   185 C  C6    . DT  A 1 9  ? -2.605  -3.524  6.196   1.00 44.72 ? 9   DT  A C6    1 
ATOM   186 P  P     . DG  A 1 10 ? -8.668  -2.246  6.756   1.00 54.47 ? 10  DG  A P     1 
ATOM   187 O  OP1   . DG  A 1 10 ? -9.881  -1.418  6.569   1.00 57.26 ? 10  DG  A OP1   1 
ATOM   188 O  OP2   . DG  A 1 10 ? -8.455  -2.960  8.046   1.00 56.46 ? 10  DG  A OP2   1 
ATOM   189 O  "O5'" . DG  A 1 10 ? -8.654  -3.289  5.556   1.00 50.81 ? 10  DG  A "O5'" 1 
ATOM   190 C  "C5'" . DG  A 1 10 ? -8.186  -2.899  4.258   1.00 47.45 ? 10  DG  A "C5'" 1 
ATOM   191 C  "C4'" . DG  A 1 10 ? -7.823  -4.118  3.445   1.00 44.78 ? 10  DG  A "C4'" 1 
ATOM   192 O  "O4'" . DG  A 1 10 ? -6.556  -4.655  3.897   1.00 43.03 ? 10  DG  A "O4'" 1 
ATOM   193 C  "C3'" . DG  A 1 10 ? -8.814  -5.279  3.542   1.00 44.95 ? 10  DG  A "C3'" 1 
ATOM   194 O  "O3'" . DG  A 1 10 ? -8.734  -6.022  2.324   1.00 43.51 ? 10  DG  A "O3'" 1 
ATOM   195 C  "C2'" . DG  A 1 10 ? -8.199  -6.139  4.623   1.00 44.88 ? 10  DG  A "C2'" 1 
ATOM   196 C  "C1'" . DG  A 1 10 ? -6.744  -6.017  4.228   1.00 42.97 ? 10  DG  A "C1'" 1 
ATOM   197 N  N9    . DG  A 1 10 ? -5.770  -6.387  5.243   1.00 42.69 ? 10  DG  A N9    1 
ATOM   198 C  C8    . DG  A 1 10 ? -5.970  -6.505  6.595   1.00 44.63 ? 10  DG  A C8    1 
ATOM   199 N  N7    . DG  A 1 10 ? -4.904  -6.895  7.238   1.00 45.11 ? 10  DG  A N7    1 
ATOM   200 C  C5    . DG  A 1 10 ? -3.950  -7.071  6.244   1.00 43.39 ? 10  DG  A C5    1 
ATOM   201 C  C6    . DG  A 1 10 ? -2.602  -7.499  6.330   1.00 43.50 ? 10  DG  A C6    1 
ATOM   202 O  O6    . DG  A 1 10 ? -1.953  -7.807  7.337   1.00 44.95 ? 10  DG  A O6    1 
ATOM   203 N  N1    . DG  A 1 10 ? -2.000  -7.547  5.077   1.00 42.03 ? 10  DG  A N1    1 
ATOM   204 C  C2    . DG  A 1 10 ? -2.616  -7.224  3.893   1.00 40.41 ? 10  DG  A C2    1 
ATOM   205 N  N2    . DG  A 1 10 ? -1.864  -7.328  2.787   1.00 39.49 ? 10  DG  A N2    1 
ATOM   206 N  N3    . DG  A 1 10 ? -3.872  -6.825  3.801   1.00 40.19 ? 10  DG  A N3    1 
ATOM   207 C  C4    . DG  A 1 10 ? -4.475  -6.775  5.006   1.00 41.71 ? 10  DG  A C4    1 
ATOM   208 P  P     . DG  A 1 11 ? -10.006 -6.749  1.725   1.00 43.55 ? 11  DG  A P     1 
ATOM   209 O  OP1   . DG  A 1 11 ? -11.133 -5.795  1.773   1.00 45.60 ? 11  DG  A OP1   1 
ATOM   210 O  OP2   . DG  A 1 11 ? -10.128 -8.078  2.379   1.00 43.89 ? 11  DG  A OP2   1 
ATOM   211 O  "O5'" . DG  A 1 11 ? -9.619  -6.870  0.192   1.00 42.26 ? 11  DG  A "O5'" 1 
ATOM   212 C  "C5'" . DG  A 1 11 ? -9.310  -5.681  -0.554  1.00 42.68 ? 11  DG  A "C5'" 1 
ATOM   213 C  "C4'" . DG  A 1 11 ? -10.111 -5.655  -1.833  1.00 43.72 ? 11  DG  A "C4'" 1 
ATOM   214 O  "O4'" . DG  A 1 11 ? -9.657  -6.721  -2.688  1.00 42.54 ? 11  DG  A "O4'" 1 
ATOM   215 C  "C3'" . DG  A 1 11 ? -11.613 -5.879  -1.687  1.00 46.07 ? 11  DG  A "C3'" 1 
ATOM   216 O  "O3'" . DG  A 1 11 ? -12.252 -5.182  -2.759  1.00 49.41 ? 11  DG  A "O3'" 1 
ATOM   217 C  "C2'" . DG  A 1 11 ? -11.757 -7.378  -1.862  1.00 44.36 ? 11  DG  A "C2'" 1 
ATOM   218 C  "C1'" . DG  A 1 11 ? -10.695 -7.664  -2.900  1.00 42.59 ? 11  DG  A "C1'" 1 
ATOM   219 N  N9    . DG  A 1 11 ? -10.090 -8.981  -2.833  1.00 41.05 ? 11  DG  A N9    1 
ATOM   220 C  C8    . DG  A 1 11 ? -9.694  -9.665  -1.711  1.00 40.36 ? 11  DG  A C8    1 
ATOM   221 N  N7    . DG  A 1 11 ? -9.133  -10.811 -1.984  1.00 39.81 ? 11  DG  A N7    1 
ATOM   222 C  C5    . DG  A 1 11 ? -9.121  -10.865 -3.370  1.00 40.00 ? 11  DG  A C5    1 
ATOM   223 C  C6    . DG  A 1 11 ? -8.639  -11.872 -4.248  1.00 39.85 ? 11  DG  A C6    1 
ATOM   224 O  O6    . DG  A 1 11 ? -8.103  -12.949 -3.966  1.00 39.36 ? 11  DG  A O6    1 
ATOM   225 N  N1    . DG  A 1 11 ? -8.843  -11.528 -5.580  1.00 40.83 ? 11  DG  A N1    1 
ATOM   226 C  C2    . DG  A 1 11 ? -9.432  -10.365 -6.012  1.00 41.88 ? 11  DG  A C2    1 
ATOM   227 N  N2    . DG  A 1 11 ? -9.521  -10.207 -7.337  1.00 43.36 ? 11  DG  A N2    1 
ATOM   228 N  N3    . DG  A 1 11 ? -9.886  -9.421  -5.205  1.00 41.99 ? 11  DG  A N3    1 
ATOM   229 C  C4    . DG  A 1 11 ? -9.698  -9.736  -3.907  1.00 40.84 ? 11  DG  A C4    1 
ATOM   230 P  P     . DA  A 1 12 ? -13.846 -5.124  -2.859  1.00 53.71 ? 12  DA  A P     1 
ATOM   231 O  OP1   . DA  A 1 12 ? -14.214 -3.701  -3.093  1.00 55.50 ? 12  DA  A OP1   1 
ATOM   232 O  OP2   . DA  A 1 12 ? -14.423 -5.864  -1.702  1.00 54.45 ? 12  DA  A OP2   1 
ATOM   233 O  "O5'" . DA  A 1 12 ? -14.173 -6.049  -4.125  1.00 53.91 ? 12  DA  A "O5'" 1 
ATOM   234 C  "C5'" . DA  A 1 12 ? -13.407 -5.941  -5.354  1.00 53.48 ? 12  DA  A "C5'" 1 
ATOM   235 C  "C4'" . DA  A 1 12 ? -13.883 -6.928  -6.398  1.00 53.85 ? 12  DA  A "C4'" 1 
ATOM   236 O  "O4'" . DA  A 1 12 ? -13.254 -8.218  -6.197  1.00 51.07 ? 12  DA  A "O4'" 1 
ATOM   237 C  "C3'" . DA  A 1 12 ? -15.391 -7.188  -6.415  1.00 56.48 ? 12  DA  A "C3'" 1 
ATOM   238 O  "O3'" . DA  A 1 12 ? -15.866 -7.284  -7.775  1.00 59.10 ? 12  DA  A "O3'" 1 
ATOM   239 C  "C2'" . DA  A 1 12 ? -15.530 -8.466  -5.600  1.00 54.39 ? 12  DA  A "C2'" 1 
ATOM   240 C  "C1'" . DA  A 1 12 ? -14.229 -9.212  -5.893  1.00 51.45 ? 12  DA  A "C1'" 1 
ATOM   241 N  N9    . DA  A 1 12 ? -13.705 -10.022 -4.792  1.00 49.09 ? 12  DA  A N9    1 
ATOM   242 C  C8    . DA  A 1 12 ? -13.744 -9.750  -3.446  1.00 48.87 ? 12  DA  A C8    1 
ATOM   243 N  N7    . DA  A 1 12 ? -13.153 -10.656 -2.706  1.00 47.02 ? 12  DA  A N7    1 
ATOM   244 C  C5    . DA  A 1 12 ? -12.677 -11.577 -3.628  1.00 45.83 ? 12  DA  A C5    1 
ATOM   245 C  C6    . DA  A 1 12 ? -11.965 -12.776 -3.481  1.00 44.42 ? 12  DA  A C6    1 
ATOM   246 N  N6    . DA  A 1 12 ? -11.583 -13.266 -2.301  1.00 44.13 ? 12  DA  A N6    1 
ATOM   247 N  N1    . DA  A 1 12 ? -11.661 -13.469 -4.601  1.00 44.29 ? 12  DA  A N1    1 
ATOM   248 C  C2    . DA  A 1 12 ? -12.047 -12.975 -5.785  1.00 45.08 ? 12  DA  A C2    1 
ATOM   249 N  N3    . DA  A 1 12 ? -12.719 -11.858 -6.051  1.00 46.67 ? 12  DA  A N3    1 
ATOM   250 C  C4    . DA  A 1 12 ? -13.013 -11.201 -4.916  1.00 46.98 ? 12  DA  A C4    1 
ATOM   251 P  P     . DG  A 1 13 ? -17.434 -7.491  -8.083  1.00 62.23 ? 13  DG  A P     1 
ATOM   252 O  OP1   . DG  A 1 13 ? -17.741 -6.859  -9.392  1.00 66.13 ? 13  DG  A OP1   1 
ATOM   253 O  OP2   . DG  A 1 13 ? -18.199 -7.106  -6.865  1.00 63.37 ? 13  DG  A OP2   1 
ATOM   254 O  "O5'" . DG  A 1 13 ? -17.562 -9.057  -8.311  1.00 59.44 ? 13  DG  A "O5'" 1 
ATOM   255 C  "C5'" . DG  A 1 13 ? -16.533 -9.809  -8.978  1.00 57.64 ? 13  DG  A "C5'" 1 
ATOM   256 C  "C4'" . DG  A 1 13 ? -16.897 -11.274 -8.921  1.00 56.77 ? 13  DG  A "C4'" 1 
ATOM   257 O  "O4'" . DG  A 1 13 ? -16.161 -11.900 -7.851  1.00 53.55 ? 13  DG  A "O4'" 1 
ATOM   258 C  "C3'" . DG  A 1 13 ? -18.377 -11.491 -8.604  1.00 58.75 ? 13  DG  A "C3'" 1 
ATOM   259 O  "O3'" . DG  A 1 13 ? -19.206 -11.572 -9.780  1.00 62.45 ? 13  DG  A "O3'" 1 
ATOM   260 C  "C2'" . DG  A 1 13 ? -18.398 -12.692 -7.677  1.00 56.43 ? 13  DG  A "C2'" 1 
ATOM   261 C  "C1'" . DG  A 1 13 ? -16.985 -12.791 -7.117  1.00 53.22 ? 13  DG  A "C1'" 1 
ATOM   262 N  N9    . DG  A 1 13 ? -16.850 -12.470 -5.700  1.00 52.00 ? 13  DG  A N9    1 
ATOM   263 C  C8    . DG  A 1 13 ? -17.434 -11.442 -5.001  1.00 53.67 ? 13  DG  A C8    1 
ATOM   264 N  N7    . DG  A 1 13 ? -17.096 -11.421 -3.740  1.00 52.59 ? 13  DG  A N7    1 
ATOM   265 C  C5    . DG  A 1 13 ? -16.254 -12.517 -3.593  1.00 50.41 ? 13  DG  A C5    1 
ATOM   266 C  C6    . DG  A 1 13 ? -15.581 -13.014 -2.447  1.00 48.86 ? 13  DG  A C6    1 
ATOM   267 O  O6    . DG  A 1 13 ? -15.599 -12.576 -1.290  1.00 49.65 ? 13  DG  A O6    1 
ATOM   268 N  N1    . DG  A 1 13 ? -14.826 -14.143 -2.749  1.00 46.89 ? 13  DG  A N1    1 
ATOM   269 C  C2    . DG  A 1 13 ? -14.731 -14.721 -3.993  1.00 46.36 ? 13  DG  A C2    1 
ATOM   270 N  N2    . DG  A 1 13 ? -13.946 -15.804 -4.091  1.00 45.01 ? 13  DG  A N2    1 
ATOM   271 N  N3    . DG  A 1 13 ? -15.347 -14.264 -5.067  1.00 47.53 ? 13  DG  A N3    1 
ATOM   272 C  C4    . DG  A 1 13 ? -16.093 -13.173 -4.795  1.00 49.68 ? 13  DG  A C4    1 
ATOM   273 P  P     . DA  A 1 14 ? -18.976 -12.686 -10.919 1.00 62.38 ? 14  DA  A P     1 
ATOM   274 O  OP1   . DA  A 1 14 ? -17.967 -13.669 -10.435 1.00 61.08 ? 14  DA  A OP1   1 
ATOM   275 O  OP2   . DA  A 1 14 ? -18.724 -11.973 -12.187 1.00 64.89 ? 14  DA  A OP2   1 
ATOM   276 O  "O5'" . DA  A 1 14 ? -20.361 -13.467 -10.932 1.00 61.67 ? 14  DA  A "O5'" 1 
ATOM   277 C  "C5'" . DA  A 1 14 ? -21.276 -13.351 -9.824  1.00 60.52 ? 14  DA  A "C5'" 1 
ATOM   278 C  "C4'" . DA  A 1 14 ? -22.696 -13.419 -10.333 1.00 62.53 ? 14  DA  A "C4'" 1 
ATOM   279 O  "O4'" . DA  A 1 14 ? -22.851 -12.529 -11.455 1.00 64.37 ? 14  DA  A "O4'" 1 
ATOM   280 C  "C3'" . DA  A 1 14 ? -23.078 -14.779 -10.877 1.00 61.55 ? 14  DA  A "C3'" 1 
ATOM   281 O  "O3'" . DA  A 1 14 ? -23.495 -15.629 -9.809  1.00 61.49 ? 14  DA  A "O3'" 1 
ATOM   282 C  "C2'" . DA  A 1 14 ? -24.191 -14.445 -11.850 1.00 65.04 ? 14  DA  A "C2'" 1 
ATOM   283 C  "C1'" . DA  A 1 14 ? -23.870 -13.023 -12.307 1.00 66.17 ? 14  DA  A "C1'" 1 
ATOM   284 N  N9    . DA  A 1 14 ? -23.401 -12.929 -13.691 1.00 65.81 ? 14  DA  A N9    1 
ATOM   285 C  C8    . DA  A 1 14 ? -22.122 -12.880 -14.193 1.00 63.23 ? 14  DA  A C8    1 
ATOM   286 N  N7    . DA  A 1 14 ? -22.071 -12.819 -15.502 1.00 65.12 ? 14  DA  A N7    1 
ATOM   287 C  C5    . DA  A 1 14 ? -23.405 -12.833 -15.889 1.00 68.62 ? 14  DA  A C5    1 
ATOM   288 C  C6    . DA  A 1 14 ? -24.027 -12.803 -17.149 1.00 72.34 ? 14  DA  A C6    1 
ATOM   289 N  N6    . DA  A 1 14 ? -23.362 -12.741 -18.302 1.00 73.55 ? 14  DA  A N6    1 
ATOM   290 N  N1    . DA  A 1 14 ? -25.376 -12.835 -17.183 1.00 75.57 ? 14  DA  A N1    1 
ATOM   291 C  C2    . DA  A 1 14 ? -26.047 -12.900 -16.028 1.00 74.76 ? 14  DA  A C2    1 
ATOM   292 N  N3    . DA  A 1 14 ? -25.577 -12.945 -14.786 1.00 71.34 ? 14  DA  A N3    1 
ATOM   293 C  C4    . DA  A 1 14 ? -24.233 -12.904 -14.784 1.00 68.65 ? 14  DA  A C4    1 
HETATM 294 MG MG    . MG  B 2 .  ? -19.347 -6.362  -11.787 1.00 56.69 ? 101 MG  A MG    1 
HETATM 295 MG MG    . MG  C 2 .  ? -18.816 -15.684 -2.328  1.00 30.00 ? 102 MG  A MG    1 
HETATM 296 O  O     . HOH D 3 .  ? 14.645  7.959   4.743   1.00 36.66 ? 201 HOH A O     1 
HETATM 297 O  O     . HOH D 3 .  ? -9.096  -9.789  3.781   1.00 32.86 ? 202 HOH A O     1 
HETATM 298 O  O     . HOH D 3 .  ? 0.512   -8.167  4.617   1.00 43.36 ? 203 HOH A O     1 
HETATM 299 O  O     . HOH D 3 .  ? 13.583  18.249  -2.389  1.00 30.00 ? 204 HOH A O     1 
HETATM 300 O  O     . HOH D 3 .  ? -10.440 -15.857 -5.445  1.00 38.85 ? 205 HOH A O     1 
HETATM 301 O  O     . HOH D 3 .  ? -12.213 -11.534 0.320   1.00 50.18 ? 206 HOH A O     1 
# 
loop_
_atom_site_anisotrop.id 
_atom_site_anisotrop.type_symbol 
_atom_site_anisotrop.pdbx_label_atom_id 
_atom_site_anisotrop.pdbx_label_alt_id 
_atom_site_anisotrop.pdbx_label_comp_id 
_atom_site_anisotrop.pdbx_label_asym_id 
_atom_site_anisotrop.pdbx_label_seq_id 
_atom_site_anisotrop.pdbx_PDB_ins_code 
_atom_site_anisotrop.U[1][1] 
_atom_site_anisotrop.U[2][2] 
_atom_site_anisotrop.U[3][3] 
_atom_site_anisotrop.U[1][2] 
_atom_site_anisotrop.U[1][3] 
_atom_site_anisotrop.U[2][3] 
_atom_site_anisotrop.pdbx_auth_seq_id 
_atom_site_anisotrop.pdbx_auth_comp_id 
_atom_site_anisotrop.pdbx_auth_asym_id 
_atom_site_anisotrop.pdbx_auth_atom_id 
1   O "O5'" . DG A 1  ? 0.5613 0.5962 0.6001 -0.1265 0.1170  -0.1034 1  DG A "O5'" 
2   C "C5'" . DG A 1  ? 0.5829 0.5862 0.5992 -0.1314 0.1072  -0.0977 1  DG A "C5'" 
3   C "C4'" . DG A 1  ? 0.5967 0.5780 0.5809 -0.1383 0.1131  -0.0927 1  DG A "C4'" 
4   O "O4'" . DG A 1  ? 0.5812 0.5659 0.5619 -0.1401 0.1353  -0.0940 1  DG A "O4'" 
5   C "C3'" . DG A 1  ? 0.5993 0.5798 0.5832 -0.1376 0.1046  -0.0921 1  DG A "C3'" 
6   O "O3'" . DG A 1  ? 0.6586 0.5985 0.6006 -0.1505 0.0972  -0.0853 1  DG A "O3'" 
7   C "C2'" . DG A 1  ? 0.5692 0.5714 0.5612 -0.1336 0.1222  -0.0940 1  DG A "C2'" 
8   C "C1'" . DG A 1  ? 0.5711 0.5642 0.5556 -0.1379 0.1392  -0.0940 1  DG A "C1'" 
9   N N9    . DG A 1  ? 0.5352 0.5507 0.5489 -0.1328 0.1478  -0.0951 1  DG A N9    
10  C C8    . DG A 1  ? 0.5158 0.5543 0.5484 -0.1288 0.1397  -0.0940 1  DG A C8    
11  N N7    . DG A 1  ? 0.5063 0.5513 0.5603 -0.1289 0.1406  -0.0913 1  DG A N7    
12  C C5    . DG A 1  ? 0.5064 0.5377 0.5694 -0.1300 0.1553  -0.0948 1  DG A C5    
13  C C6    . DG A 1  ? 0.5035 0.5353 0.6081 -0.1301 0.1622  -0.0977 1  DG A C6    
14  O O6    . DG A 1  ? 0.5035 0.5448 0.6435 -0.1283 0.1479  -0.0923 1  DG A O6    
15  N N1    . DG A 1  ? 0.5154 0.5295 0.6208 -0.1367 0.1869  -0.1091 1  DG A N1    
16  C C2    . DG A 1  ? 0.5386 0.5295 0.5933 -0.1464 0.1985  -0.1127 1  DG A C2    
17  N N2    . DG A 1  ? 0.5700 0.5376 0.6196 -0.1607 0.2266  -0.1264 1  DG A N2    
18  N N3    . DG A 1  ? 0.5531 0.5396 0.5679 -0.1457 0.1823  -0.1049 1  DG A N3    
19  C C4    . DG A 1  ? 0.5326 0.5439 0.5625 -0.1352 0.1632  -0.0981 1  DG A C4    
20  P P     . DG A 2  ? 0.6930 0.6214 0.6294 -0.1522 0.0813  -0.0820 2  DG A P     
21  O OP1   . DG A 2  ? 0.7554 0.6298 0.6443 -0.1711 0.0593  -0.0717 2  DG A OP1   
22  O OP2   . DG A 2  ? 0.6502 0.6128 0.6401 -0.1390 0.0726  -0.0900 2  DG A OP2   
23  O "O5'" . DG A 2  ? 0.6704 0.6059 0.5926 -0.1532 0.1060  -0.0840 2  DG A "O5'" 
24  C "C5'" . DG A 2  ? 0.6819 0.5925 0.5692 -0.1670 0.1280  -0.0854 2  DG A "C5'" 
25  C "C4'" . DG A 2  ? 0.6529 0.5839 0.5592 -0.1615 0.1488  -0.0908 2  DG A "C4'" 
26  O "O4'" . DG A 2  ? 0.5958 0.5655 0.5478 -0.1470 0.1514  -0.0928 2  DG A "O4'" 
27  C "C3'" . DG A 2  ? 0.6486 0.5835 0.5533 -0.1581 0.1391  -0.0877 2  DG A "C3'" 
28  O "O3'" . DG A 2  ? 0.6612 0.5934 0.5651 -0.1624 0.1601  -0.0925 2  DG A "O3'" 
29  C "C2'" . DG A 2  ? 0.5967 0.5716 0.5430 -0.1424 0.1307  -0.0885 2  DG A "C2'" 
30  C "C1'" . DG A 2  ? 0.5712 0.5621 0.5398 -0.1393 0.1445  -0.0911 2  DG A "C1'" 
31  N N9    . DG A 2  ? 0.5339 0.5516 0.5279 -0.1325 0.1375  -0.0915 2  DG A N9    
32  C C8    . DG A 2  ? 0.5211 0.5506 0.5228 -0.1306 0.1271  -0.0948 2  DG A C8    
33  N N7    . DG A 2  ? 0.5092 0.5565 0.5245 -0.1313 0.1280  -0.0971 2  DG A N7    
34  C C5    . DG A 2  ? 0.5021 0.5487 0.5227 -0.1318 0.1320  -0.0913 2  DG A C5    
35  C C6    . DG A 2  ? 0.4999 0.5543 0.5326 -0.1355 0.1269  -0.0874 2  DG A C6    
36  O O6    . DG A 2  ? 0.5061 0.5678 0.5335 -0.1429 0.1217  -0.0889 2  DG A O6    
37  N N1    . DG A 2  ? 0.4980 0.5467 0.5529 -0.1338 0.1272  -0.0827 2  DG A N1    
38  C C2    . DG A 2  ? 0.4989 0.5373 0.5616 -0.1309 0.1401  -0.0863 2  DG A C2    
39  N N2    . DG A 2  ? 0.4927 0.5287 0.5957 -0.1304 0.1426  -0.0871 2  DG A N2    
40  N N3    . DG A 2  ? 0.5102 0.5376 0.5461 -0.1316 0.1488  -0.0902 2  DG A N3    
41  C C4    . DG A 2  ? 0.5102 0.5415 0.5262 -0.1311 0.1402  -0.0902 2  DG A C4    
42  P P     . DA A 3  ? 0.7238 0.6122 0.5763 -0.1836 0.1701  -0.0944 3  DA A P     
43  O OP1   . DA A 3  ? 0.7715 0.6183 0.5753 -0.2038 0.1674  -0.0928 3  DA A OP1   
44  O OP2   . DA A 3  ? 0.7115 0.6010 0.5574 -0.1793 0.1533  -0.0881 3  DA A OP2   
45  O "O5'" . DA A 3  ? 0.7110 0.6039 0.5885 -0.1883 0.2052  -0.1086 3  DA A "O5'" 
46  C "C5'" . DA A 3  ? 0.7300 0.6036 0.6033 -0.2043 0.2334  -0.1220 3  DA A "C5'" 
47  C "C4'" . DA A 3  ? 0.7139 0.6070 0.6509 -0.2002 0.2608  -0.1379 3  DA A "C4'" 
48  O "O4'" . DA A 3  ? 0.6536 0.5891 0.6535 -0.1755 0.2414  -0.1302 3  DA A "O4'" 
49  C "C3'" . DA A 3  ? 0.7219 0.6118 0.6646 -0.2031 0.2702  -0.1429 3  DA A "C3'" 
50  O "O3'" . DA A 3  ? 0.7454 0.6279 0.7304 -0.2162 0.3099  -0.1678 3  DA A "O3'" 
51  C "C2'" . DA A 3  ? 0.6634 0.5940 0.6530 -0.1768 0.2412  -0.1291 3  DA A "C2'" 
52  C "C1'" . DA A 3  ? 0.6334 0.5878 0.6712 -0.1650 0.2337  -0.1277 3  DA A "C1'" 
53  N N9    . DA A 3  ? 0.5969 0.5782 0.6451 -0.1486 0.2013  -0.1111 3  DA A N9    
54  C C8    . DA A 3  ? 0.5855 0.5713 0.5965 -0.1447 0.1817  -0.1005 3  DA A C8    
55  N N7    . DA A 3  ? 0.5626 0.5706 0.5909 -0.1364 0.1623  -0.0925 3  DA A N7    
56  C C5    . DA A 3  ? 0.5579 0.5731 0.6331 -0.1345 0.1611  -0.0927 3  DA A C5    
57  C C6    . DA A 3  ? 0.5486 0.5755 0.6504 -0.1328 0.1386  -0.0831 3  DA A C6    
58  N N6    . DA A 3  ? 0.5524 0.5863 0.6270 -0.1358 0.1212  -0.0748 3  DA A N6    
59  N N1    . DA A 3  ? 0.5505 0.5760 0.7093 -0.1322 0.1336  -0.0838 3  DA A N1    
60  C C2    . DA A 3  ? 0.5585 0.5769 0.7528 -0.1325 0.1589  -0.0991 3  DA A C2    
61  N N3    . DA A 3  ? 0.5723 0.5780 0.7367 -0.1384 0.1895  -0.1125 3  DA A N3    
62  C C4    . DA A 3  ? 0.5744 0.5768 0.6736 -0.1393 0.1850  -0.1055 3  DA A C4    
63  P P     . DA A 4  ? 0.7914 0.6548 0.7728 -0.2322 0.3366  -0.1834 4  DA A P     
64  O OP1   . DA A 4  ? 0.8285 0.6747 0.8474 -0.2550 0.3878  -0.2172 4  DA A OP1   
65  O OP2   . DA A 4  ? 0.8267 0.6574 0.7146 -0.2459 0.3220  -0.1697 4  DA A OP2   
66  O "O5'" . DA A 4  ? 0.7316 0.6363 0.7892 -0.2042 0.3135  -0.1747 4  DA A "O5'" 
67  C "C5'" . DA A 4  ? 0.7022 0.6367 0.8573 -0.1884 0.3087  -0.1797 4  DA A "C5'" 
68  C "C4'" . DA A 4  ? 0.6662 0.6273 0.8602 -0.1679 0.2723  -0.1618 4  DA A "C4'" 
69  O "O4'" . DA A 4  ? 0.6455 0.6186 0.7905 -0.1562 0.2364  -0.1365 4  DA A "O4'" 
70  C "C3'" . DA A 4  ? 0.6862 0.6394 0.8675 -0.1718 0.2775  -0.1639 4  DA A "C3'" 
71  O "O3'" . DA A 4  ? 0.6781 0.6529 0.9350 -0.1572 0.2520  -0.1568 4  DA A "O3'" 
72  C "C2'" . DA A 4  ? 0.6714 0.6229 0.7696 -0.1676 0.2518  -0.1417 4  DA A "C2'" 
73  C "C1'" . DA A 4  ? 0.6307 0.6049 0.7418 -0.1530 0.2209  -0.1251 4  DA A "C1'" 
74  N N9    . DA A 4  ? 0.6076 0.5822 0.6561 -0.1505 0.2027  -0.1110 4  DA A N9    
75  C C8    . DA A 4  ? 0.6210 0.5738 0.6062 -0.1598 0.2067  -0.1101 4  DA A C8    
76  N N7    . DA A 4  ? 0.6077 0.5692 0.5698 -0.1532 0.1840  -0.0988 4  DA A N7    
77  C C5    . DA A 4  ? 0.5802 0.5691 0.5799 -0.1422 0.1697  -0.0932 4  DA A C5    
78  C C6    . DA A 4  ? 0.5571 0.5635 0.5534 -0.1369 0.1507  -0.0857 4  DA A C6    
79  N N6    . DA A 4  ? 0.5595 0.5649 0.5308 -0.1368 0.1431  -0.0851 4  DA A N6    
80  N N1    . DA A 4  ? 0.5462 0.5666 0.5689 -0.1354 0.1389  -0.0805 4  DA A N1    
81  C C2    . DA A 4  ? 0.5523 0.5715 0.6157 -0.1350 0.1391  -0.0806 4  DA A C2    
82  N N3    . DA A 4  ? 0.5673 0.5767 0.6565 -0.1359 0.1575  -0.0903 4  DA A N3    
83  C C4    . DA A 4  ? 0.5848 0.5790 0.6337 -0.1410 0.1761  -0.0975 4  DA A C4    
84  P P     . DA A 5  ? 0.6936 0.6662 0.9977 -0.1591 0.2609  -0.1675 5  DA A P     
85  O OP1   . DA A 5  ? 0.7103 0.6771 1.1014 -0.1691 0.2993  -0.2004 5  DA A OP1   
86  O OP2   . DA A 5  ? 0.7111 0.6694 0.9303 -0.1660 0.2669  -0.1621 5  DA A OP2   
87  O "O5'" . DA A 5  ? 0.6675 0.6587 1.0206 -0.1432 0.2096  -0.1442 5  DA A "O5'" 
88  C "C5'" . DA A 5  ? 0.6477 0.6488 1.0489 -0.1365 0.1812  -0.1341 5  DA A "C5'" 
89  C "C4'" . DA A 5  ? 0.6380 0.6430 1.0078 -0.1323 0.1312  -0.1038 5  DA A "C4'" 
90  O "O4'" . DA A 5  ? 0.6242 0.6317 0.8968 -0.1334 0.1310  -0.0925 5  DA A "O4'" 
91  C "C3'" . DA A 5  ? 0.6437 0.6450 1.0165 -0.1327 0.1127  -0.0950 5  DA A "C3'" 
92  O "O3'" . DA A 5  ? 0.6697 0.6653 1.0794 -0.1345 0.0619  -0.0742 5  DA A "O3'" 
93  C "C2'" . DA A 5  ? 0.6310 0.6329 0.9005 -0.1348 0.1208  -0.0873 5  DA A "C2'" 
94  C "C1'" . DA A 5  ? 0.6170 0.6235 0.8385 -0.1352 0.1164  -0.0800 5  DA A "C1'" 
95  N N9    . DA A 5  ? 0.5989 0.6058 0.7453 -0.1360 0.1351  -0.0825 5  DA A N9    
96  C C8    . DA A 5  ? 0.5992 0.5963 0.7178 -0.1388 0.1648  -0.0954 5  DA A C8    
97  N N7    . DA A 5  ? 0.5879 0.5827 0.6463 -0.1400 0.1649  -0.0914 5  DA A N7    
98  C C5    . DA A 5  ? 0.5776 0.5859 0.6285 -0.1373 0.1415  -0.0798 5  DA A C5    
99  C C6    . DA A 5  ? 0.5730 0.5873 0.5852 -0.1378 0.1339  -0.0760 5  DA A C6    
100 N N6    . DA A 5  ? 0.5806 0.5880 0.5610 -0.1379 0.1407  -0.0799 5  DA A N6    
101 N N1    . DA A 5  ? 0.5753 0.5987 0.5858 -0.1418 0.1172  -0.0693 5  DA A N1    
102 C C2    . DA A 5  ? 0.5836 0.6046 0.6217 -0.1458 0.1009  -0.0614 5  DA A C2    
103 N N3    . DA A 5  ? 0.5850 0.6007 0.6712 -0.1426 0.0982  -0.0611 5  DA A N3    
104 C C4    . DA A 5  ? 0.5850 0.5975 0.6794 -0.1375 0.1233  -0.0731 5  DA A C4    
105 P P     . DT A 6  ? 0.7116 0.6969 1.1267 -0.1390 0.0296  -0.0595 6  DT A P     
106 O OP1   . DT A 6  ? 0.7298 0.7005 1.2305 -0.1428 -0.0206 -0.0462 6  DT A OP1   
107 O OP2   . DT A 6  ? 0.7007 0.6904 1.1200 -0.1350 0.0663  -0.0779 6  DT A OP2   
108 O "O5'" . DT A 6  ? 0.7168 0.6979 1.0180 -0.1489 0.0134  -0.0391 6  DT A "O5'" 
109 C "C5'" . DT A 6  ? 0.7203 0.6956 0.9802 -0.1581 -0.0073 -0.0257 6  DT A "C5'" 
110 C "C4'" . DT A 6  ? 0.7202 0.6951 0.8798 -0.1693 -0.0036 -0.0188 6  DT A "C4'" 
111 O "O4'" . DT A 6  ? 0.6814 0.6749 0.8076 -0.1583 0.0387  -0.0354 6  DT A "O4'" 
112 C "C3'" . DT A 6  ? 0.7344 0.6967 0.8616 -0.1807 -0.0206 -0.0088 6  DT A "C3'" 
113 O "O3'" . DT A 6  ? 0.7835 0.7233 0.8487 -0.2070 -0.0508 0.0080  6  DT A "O3'" 
114 C "C2'" . DT A 6  ? 0.6997 0.6798 0.7879 -0.1711 0.0184  -0.0234 6  DT A "C2'" 
115 C "C1'" . DT A 6  ? 0.6684 0.6624 0.7370 -0.1645 0.0433  -0.0341 6  DT A "C1'" 
116 N N1    . DT A 6  ? 0.6255 0.6312 0.6790 -0.1527 0.0773  -0.0487 6  DT A N1    
117 C C2    . DT A 6  ? 0.6116 0.6244 0.6188 -0.1544 0.0884  -0.0535 6  DT A C2    
118 O O2    . DT A 6  ? 0.6316 0.6446 0.6111 -0.1659 0.0794  -0.0504 6  DT A O2    
119 N N3    . DT A 6  ? 0.5904 0.6057 0.5869 -0.1460 0.1096  -0.0633 6  DT A N3    
120 C C4    . DT A 6  ? 0.5868 0.5939 0.5982 -0.1408 0.1250  -0.0697 6  DT A C4    
121 O O4    . DT A 6  ? 0.5834 0.5836 0.5689 -0.1402 0.1384  -0.0757 6  DT A O4    
122 C C5    . DT A 6  ? 0.5924 0.5964 0.6544 -0.1402 0.1221  -0.0698 6  DT A C5    
123 C C7    . DT A 6  ? 0.6007 0.5949 0.6856 -0.1397 0.1468  -0.0833 6  DT A C7    
124 C C6    . DT A 6  ? 0.6045 0.6091 0.6920 -0.1438 0.0959  -0.0588 6  DT A C6    
125 P P     . DA A 7  ? 0.8355 0.7530 0.8447 -0.2299 -0.0705 0.0199  7  DA A P     
126 O OP1   . DA A 7  ? 0.8990 0.7751 0.8759 -0.2628 -0.1198 0.0426  7  DA A OP1   
127 O OP2   . DA A 7  ? 0.8000 0.7257 0.8551 -0.2137 -0.0652 0.0160  7  DA A OP2   
128 O "O5'" . DA A 7  ? 0.8102 0.7415 0.7432 -0.2372 -0.0336 0.0052  7  DA A "O5'" 
129 C "C5'" . DA A 7  ? 0.8004 0.7370 0.7035 -0.2442 -0.0198 -0.0021 7  DA A "C5'" 
130 C "C4'" . DA A 7  ? 0.7978 0.7431 0.6443 -0.2559 0.0109  -0.0184 7  DA A "C4'" 
131 O "O4'" . DA A 7  ? 0.7371 0.7138 0.6137 -0.2268 0.0432  -0.0349 7  DA A "O4'" 
132 C "C3'" . DA A 7  ? 0.8257 0.7525 0.6271 -0.2788 0.0049  -0.0154 7  DA A "C3'" 
133 O "O3'" . DA A 7  ? 0.8682 0.7865 0.6079 -0.3094 0.0247  -0.0296 7  DA A "O3'" 
134 C "C2'" . DA A 7  ? 0.7690 0.7213 0.6064 -0.2501 0.0247  -0.0243 7  DA A "C2'" 
135 C "C1'" . DA A 7  ? 0.7212 0.7020 0.5857 -0.2262 0.0533  -0.0403 7  DA A "C1'" 
136 N N9    . DA A 7  ? 0.6648 0.6615 0.5710 -0.1975 0.0652  -0.0442 7  DA A N9    
137 C C8    . DA A 7  ? 0.6460 0.6398 0.5947 -0.1842 0.0562  -0.0370 7  DA A C8    
138 N N7    . DA A 7  ? 0.6179 0.6218 0.5852 -0.1666 0.0767  -0.0464 7  DA A N7    
139 C C5    . DA A 7  ? 0.6081 0.6211 0.5472 -0.1659 0.0923  -0.0563 7  DA A C5    
140 C C6    . DA A 7  ? 0.5931 0.6106 0.5303 -0.1550 0.1082  -0.0654 7  DA A C6    
141 N N6    . DA A 7  ? 0.5956 0.6052 0.5431 -0.1465 0.1171  -0.0669 7  DA A N6    
142 N N1    . DA A 7  ? 0.5889 0.6135 0.5135 -0.1572 0.1135  -0.0743 7  DA A N1    
143 C C2    . DA A 7  ? 0.5922 0.6220 0.5053 -0.1713 0.1126  -0.0786 7  DA A C2    
144 N N3    . DA A 7  ? 0.6207 0.6426 0.5176 -0.1875 0.1025  -0.0714 7  DA A N3    
145 C C4    . DA A 7  ? 0.6279 0.6405 0.5389 -0.1830 0.0881  -0.0577 7  DA A C4    
146 P P     . DT A 8  ? 0.9336 0.8321 0.6135 -0.3423 0.0329  -0.0362 8  DT A P     
147 O OP1   . DT A 8  ? 0.9931 0.8625 0.6010 -0.3896 0.0422  -0.0457 8  DT A OP1   
148 O OP2   . DT A 8  ? 0.9318 0.8099 0.6153 -0.3430 -0.0015 -0.0138 8  DT A OP2   
149 O "O5'" . DT A 8  ? 0.8695 0.8076 0.5825 -0.3178 0.0751  -0.0631 8  DT A "O5'" 
150 C "C5'" . DT A 8  ? 0.8228 0.7858 0.5603 -0.3071 0.1036  -0.0847 8  DT A "C5'" 
151 C "C4'" . DT A 8  ? 0.7800 0.7693 0.5506 -0.2910 0.1313  -0.1067 8  DT A "C4'" 
152 O "O4'" . DT A 8  ? 0.7233 0.7303 0.5403 -0.2523 0.1222  -0.0966 8  DT A "O4'" 
153 C "C3'" . DT A 8  ? 0.8092 0.7870 0.5486 -0.3141 0.1404  -0.1148 8  DT A "C3'" 
154 O "O3'" . DT A 8  ? 0.8187 0.8109 0.5748 -0.3256 0.1765  -0.1484 8  DT A "O3'" 
155 C "C2'" . DT A 8  ? 0.7624 0.7498 0.5312 -0.2838 0.1254  -0.0999 8  DT A "C2'" 
156 C "C1'" . DT A 8  ? 0.7015 0.7123 0.5233 -0.2473 0.1264  -0.0999 8  DT A "C1'" 
157 N N1    . DT A 8  ? 0.6553 0.6682 0.5008 -0.2206 0.1108  -0.0827 8  DT A N1    
158 C C2    . DT A 8  ? 0.6158 0.6419 0.4927 -0.1966 0.1180  -0.0882 8  DT A C2    
159 O O2    . DT A 8  ? 0.6069 0.6437 0.5019 -0.1934 0.1298  -0.1039 8  DT A O2    
160 N N3    . DT A 8  ? 0.5924 0.6139 0.4814 -0.1801 0.1094  -0.0757 8  DT A N3    
161 C C4    . DT A 8  ? 0.5993 0.6103 0.4908 -0.1811 0.0955  -0.0614 8  DT A C4    
162 O O4    . DT A 8  ? 0.5778 0.5863 0.4898 -0.1677 0.0961  -0.0576 8  DT A O4    
163 C C5    . DT A 8  ? 0.6352 0.6335 0.5047 -0.2028 0.0800  -0.0532 8  DT A C5    
164 C C7    . DT A 8  ? 0.6498 0.6321 0.5350 -0.2055 0.0543  -0.0359 8  DT A C7    
165 C C6    . DT A 8  ? 0.6603 0.6571 0.4990 -0.2233 0.0882  -0.0628 8  DT A C6    
166 P P     . DT A 9  ? 0.8691 0.8512 0.5985 -0.3564 0.1989  -0.1685 9  DT A P     
167 O OP1   . DT A 9  ? 0.8994 0.8837 0.6330 -0.3870 0.2398  -0.2072 9  DT A OP1   
168 O OP2   . DT A 9  ? 0.9195 0.8664 0.5811 -0.3803 0.1736  -0.1435 9  DT A OP2   
169 O "O5'" . DT A 9  ? 0.7976 0.8077 0.5913 -0.3185 0.1991  -0.1719 9  DT A "O5'" 
170 C "C5'" . DT A 9  ? 0.7253 0.7634 0.5928 -0.2919 0.2097  -0.1896 9  DT A "C5'" 
171 C "C4'" . DT A 9  ? 0.6658 0.7159 0.5732 -0.2646 0.1996  -0.1853 9  DT A "C4'" 
172 O "O4'" . DT A 9  ? 0.6337 0.6770 0.5230 -0.2416 0.1709  -0.1527 9  DT A "O4'" 
173 C "C3'" . DT A 9  ? 0.6783 0.7223 0.5694 -0.2833 0.2118  -0.1955 9  DT A "C3'" 
174 O "O3'" . DT A 9  ? 0.6505 0.7123 0.6101 -0.2663 0.2174  -0.2135 9  DT A "O3'" 
175 C "C2'" . DT A 9  ? 0.6654 0.6948 0.5127 -0.2744 0.1845  -0.1622 9  DT A "C2'" 
176 C "C1'" . DT A 9  ? 0.6209 0.6590 0.4984 -0.2390 0.1642  -0.1442 9  DT A "C1'" 
177 N N1    . DT A 9  ? 0.5997 0.6261 0.4536 -0.2271 0.1410  -0.1156 9  DT A N1    
178 C C2    . DT A 9  ? 0.5652 0.5957 0.4438 -0.1998 0.1307  -0.1054 9  DT A C2    
179 O O2    . DT A 9  ? 0.5498 0.5875 0.4588 -0.1868 0.1326  -0.1140 9  DT A O2    
180 N N3    . DT A 9  ? 0.5578 0.5782 0.4257 -0.1921 0.1166  -0.0857 9  DT A N3    
181 C C4    . DT A 9  ? 0.5775 0.5853 0.4241 -0.2057 0.1039  -0.0728 9  DT A C4    
182 O O4    . DT A 9  ? 0.5674 0.5686 0.4268 -0.1957 0.0912  -0.0592 9  DT A O4    
183 C C5    . DT A 9  ? 0.6201 0.6182 0.4314 -0.2356 0.1067  -0.0785 9  DT A C5    
184 C C7    . DT A 9  ? 0.6606 0.6331 0.4387 -0.2577 0.0829  -0.0605 9  DT A C7    
185 C C6    . DT A 9  ? 0.6264 0.6343 0.4383 -0.2465 0.1292  -0.1011 9  DT A C6    
186 P P     . DG A 10 ? 0.6791 0.7418 0.6489 -0.2839 0.2371  -0.2350 10 DG A P     
187 O OP1   . DG A 10 ? 0.6770 0.7594 0.7390 -0.2805 0.2552  -0.2707 10 DG A OP1   
188 O OP2   . DG A 10 ? 0.7380 0.7782 0.6289 -0.3256 0.2540  -0.2376 10 DG A OP2   
189 O "O5'" . DG A 10 ? 0.6339 0.6946 0.6019 -0.2560 0.2078  -0.2077 10 DG A "O5'" 
190 C "C5'" . DG A 10 ? 0.5827 0.6455 0.5746 -0.2226 0.1797  -0.1868 10 DG A "C5'" 
191 C "C4'" . DG A 10 ? 0.5637 0.6153 0.5223 -0.2092 0.1597  -0.1602 10 DG A "C4'" 
192 O "O4'" . DG A 10 ? 0.5641 0.6039 0.4671 -0.2156 0.1530  -0.1392 10 DG A "O4'" 
193 C "C3'" . DG A 10 ? 0.5666 0.6177 0.5236 -0.2183 0.1666  -0.1678 10 DG A "C3'" 
194 O "O3'" . DG A 10 ? 0.5525 0.5956 0.5049 -0.1979 0.1450  -0.1473 10 DG A "O3'" 
195 C "C2'" . DG A 10 ? 0.5916 0.6297 0.4838 -0.2426 0.1730  -0.1595 10 DG A "C2'" 
196 C "C1'" . DG A 10 ? 0.5774 0.6078 0.4473 -0.2277 0.1522  -0.1327 10 DG A "C1'" 
197 N N9    . DG A 10 ? 0.5959 0.6100 0.4163 -0.2480 0.1463  -0.1198 10 DG A N9    
198 C C8    . DG A 10 ? 0.6392 0.6390 0.4177 -0.2844 0.1581  -0.1296 10 DG A C8    
199 N N7    . DG A 10 ? 0.6672 0.6445 0.4022 -0.2988 0.1380  -0.1087 10 DG A N7    
200 C C5    . DG A 10 ? 0.6341 0.6173 0.3974 -0.2670 0.1163  -0.0879 10 DG A C5    
201 C C6    . DG A 10 ? 0.6425 0.6103 0.4001 -0.2639 0.0886  -0.0638 10 DG A C6    
202 O O6    . DG A 10 ? 0.6813 0.6232 0.4035 -0.2888 0.0686  -0.0505 10 DG A O6    
203 N N1    . DG A 10 ? 0.6053 0.5856 0.4061 -0.2315 0.0833  -0.0564 10 DG A N1    
204 C C2    . DG A 10 ? 0.5700 0.5674 0.3981 -0.2092 0.0981  -0.0664 10 DG A C2    
205 N N2    . DG A 10 ? 0.5496 0.5478 0.4031 -0.1883 0.0943  -0.0591 10 DG A N2    
206 N N3    . DG A 10 ? 0.5622 0.5703 0.3946 -0.2110 0.1143  -0.0836 10 DG A N3    
207 C C4    . DG A 10 ? 0.5913 0.5950 0.3985 -0.2382 0.1244  -0.0953 10 DG A C4    
208 P P     . DG A 11 ? 0.5431 0.5872 0.5244 -0.1937 0.1415  -0.1549 11 DG A P     
209 O OP1   . DG A 11 ? 0.5409 0.5970 0.5947 -0.1943 0.1475  -0.1818 11 DG A OP1   
210 O OP2   . DG A 11 ? 0.5621 0.6022 0.5034 -0.2094 0.1515  -0.1529 11 DG A OP2   
211 O "O5'" . DG A 11 ? 0.5345 0.5625 0.5085 -0.1722 0.1145  -0.1317 11 DG A "O5'" 
212 C "C5'" . DG A 11 ? 0.5364 0.5567 0.5287 -0.1616 0.0992  -0.1271 11 DG A "C5'" 
213 C "C4'" . DG A 11 ? 0.5487 0.5502 0.5624 -0.1534 0.0731  -0.1213 11 DG A "C4'" 
214 O "O4'" . DG A 11 ? 0.5577 0.5391 0.5196 -0.1516 0.0665  -0.1021 11 DG A "O4'" 
215 C "C3'" . DG A 11 ? 0.5560 0.5661 0.6284 -0.1555 0.0703  -0.1396 11 DG A "C3'" 
216 O "O3'" . DG A 11 ? 0.5922 0.5811 0.7042 -0.1488 0.0353  -0.1349 11 DG A "O3'" 
217 C "C2'" . DG A 11 ? 0.5487 0.5541 0.5827 -0.1576 0.0743  -0.1307 11 DG A "C2'" 
218 C "C1'" . DG A 11 ? 0.5549 0.5347 0.5285 -0.1527 0.0615  -0.1052 11 DG A "C1'" 
219 N N9    . DG A 11 ? 0.5516 0.5301 0.4782 -0.1548 0.0737  -0.0951 11 DG A N9    
220 C C8    . DG A 11 ? 0.5419 0.5376 0.4540 -0.1614 0.0930  -0.0986 11 DG A C8    
221 N N7    . DG A 11 ? 0.5488 0.5360 0.4278 -0.1612 0.0942  -0.0863 11 DG A N7    
222 C C5    . DG A 11 ? 0.5634 0.5273 0.4291 -0.1559 0.0816  -0.0770 11 DG A C5    
223 C C6    . DG A 11 ? 0.5785 0.5233 0.4122 -0.1563 0.0823  -0.0667 11 DG A C6    
224 O O6    . DG A 11 ? 0.5744 0.5233 0.3978 -0.1572 0.0916  -0.0634 11 DG A O6    
225 N N1    . DG A 11 ? 0.6080 0.5217 0.4218 -0.1594 0.0692  -0.0611 11 DG A N1    
226 C C2    . DG A 11 ? 0.6217 0.5217 0.4480 -0.1605 0.0492  -0.0612 11 DG A C2    
227 N N2    . DG A 11 ? 0.6666 0.5244 0.4566 -0.1706 0.0319  -0.0514 11 DG A N2    
228 N N3    . DG A 11 ? 0.6009 0.5227 0.4720 -0.1555 0.0454  -0.0707 11 DG A N3    
229 C C4    . DG A 11 ? 0.5700 0.5243 0.4574 -0.1539 0.0661  -0.0801 11 DG A C4    
230 P P     . DA A 12 ? 0.6157 0.6083 0.8166 -0.1482 0.0196  -0.1538 12 DA A P     
231 O OP1   . DA A 12 ? 0.6162 0.6029 0.8898 -0.1444 -0.0055 -0.1618 12 DA A OP1   
232 O OP2   . DA A 12 ? 0.6077 0.6306 0.8303 -0.1570 0.0570  -0.1790 12 DA A OP2   
233 O "O5'" . DA A 12 ? 0.6421 0.6007 0.8057 -0.1466 -0.0117 -0.1304 12 DA A "O5'" 
234 C "C5'" . DA A 12 ? 0.6740 0.5907 0.7671 -0.1488 -0.0385 -0.1015 12 DA A "C5'" 
235 C "C4'" . DA A 12 ? 0.7017 0.5854 0.7590 -0.1537 -0.0616 -0.0852 12 DA A "C4'" 
236 O "O4'" . DA A 12 ? 0.6839 0.5778 0.6788 -0.1549 -0.0302 -0.0809 12 DA A "O4'" 
237 C "C3'" . DA A 12 ? 0.7075 0.5946 0.8439 -0.1514 -0.0830 -0.0972 12 DA A "C3'" 
238 O "O3'" . DA A 12 ? 0.7658 0.5994 0.8802 -0.1596 -0.1328 -0.0751 12 DA A "O3'" 
239 C "C2'" . DA A 12 ? 0.6737 0.5937 0.7993 -0.1500 -0.0436 -0.1095 12 DA A "C2'" 
240 C "C1'" . DA A 12 ? 0.6740 0.5830 0.6980 -0.1532 -0.0252 -0.0904 12 DA A "C1'" 
241 N N9    . DA A 12 ? 0.6396 0.5824 0.6433 -0.1529 0.0154  -0.0994 12 DA A N9    
242 C C8    . DA A 12 ? 0.6145 0.5917 0.6507 -0.1549 0.0434  -0.1197 12 DA A C8    
243 N N7    . DA A 12 ? 0.6006 0.5908 0.5952 -0.1601 0.0683  -0.1187 12 DA A N7    
244 C C5    . DA A 12 ? 0.6095 0.5782 0.5535 -0.1573 0.0589  -0.0986 12 DA A C5    
245 C C6    . DA A 12 ? 0.6070 0.5754 0.5053 -0.1595 0.0717  -0.0890 12 DA A C6    
246 N N6    . DA A 12 ? 0.6007 0.5868 0.4891 -0.1664 0.0901  -0.0934 12 DA A N6    
247 N N1    . DA A 12 ? 0.6253 0.5692 0.4885 -0.1581 0.0628  -0.0747 12 DA A N1    
248 C C2    . DA A 12 ? 0.6466 0.5617 0.5047 -0.1589 0.0404  -0.0680 12 DA A C2    
249 N N3    . DA A 12 ? 0.6580 0.5646 0.5507 -0.1582 0.0188  -0.0713 12 DA A N3    
250 C C4    . DA A 12 ? 0.6344 0.5729 0.5776 -0.1549 0.0301  -0.0880 12 DA A C4    
251 P P     . DG A 13 ? 0.7800 0.6035 0.9809 -0.1583 -0.1711 -0.0814 13 DG A P     
252 O OP1   . DG A 13 ? 0.8551 0.6133 1.0444 -0.1708 -0.2378 -0.0561 13 DG A OP1   
253 O OP2   . DG A 13 ? 0.7377 0.6135 1.0566 -0.1482 -0.1470 -0.1174 13 DG A OP2   
254 O "O5'" . DG A 13 ? 0.7646 0.5863 0.9076 -0.1613 -0.1548 -0.0747 13 DG A "O5'" 
255 C "C5'" . DG A 13 ? 0.7901 0.5852 0.8146 -0.1711 -0.1420 -0.0535 13 DG A "C5'" 
256 C "C4'" . DG A 13 ? 0.7825 0.5881 0.7863 -0.1702 -0.1240 -0.0553 13 DG A "C4'" 
257 O "O4'" . DG A 13 ? 0.7326 0.5838 0.7184 -0.1631 -0.0714 -0.0678 13 DG A "O4'" 
258 C "C3'" . DG A 13 ? 0.7699 0.5922 0.8702 -0.1637 -0.1406 -0.0711 13 DG A "C3'" 
259 O "O3'" . DG A 13 ? 0.8329 0.6037 0.9363 -0.1730 -0.1959 -0.0536 13 DG A "O3'" 
260 C "C2'" . DG A 13 ? 0.7282 0.5931 0.8227 -0.1586 -0.0934 -0.0862 13 DG A "C2'" 
261 C "C1'" . DG A 13 ? 0.7038 0.5867 0.7315 -0.1583 -0.0538 -0.0836 13 DG A "C1'" 
262 N N9    . DG A 13 ? 0.6600 0.5883 0.7276 -0.1547 -0.0175 -0.1067 13 DG A N9    
263 C C8    . DG A 13 ? 0.6462 0.5964 0.7968 -0.1532 -0.0146 -0.1296 13 DG A C8    
264 N N7    . DG A 13 ? 0.6207 0.6039 0.7735 -0.1576 0.0255  -0.1479 13 DG A N7    
265 C C5    . DG A 13 ? 0.6205 0.6028 0.6921 -0.1605 0.0433  -0.1333 13 DG A C5    
266 C C6    . DG A 13 ? 0.6070 0.6088 0.6407 -0.1693 0.0768  -0.1387 13 DG A C6    
267 O O6    . DG A 13 ? 0.6046 0.6261 0.6559 -0.1802 0.1020  -0.1584 13 DG A O6    
268 N N1    . DG A 13 ? 0.6076 0.5982 0.5758 -0.1686 0.0775  -0.1185 13 DG A N1    
269 C C2    . DG A 13 ? 0.6189 0.5846 0.5581 -0.1622 0.0574  -0.1000 13 DG A C2    
270 N N2    . DG A 13 ? 0.6205 0.5804 0.5093 -0.1633 0.0656  -0.0870 13 DG A N2    
271 N N3    . DG A 13 ? 0.6347 0.5778 0.5933 -0.1585 0.0292  -0.0946 13 DG A N3    
272 C C4    . DG A 13 ? 0.6365 0.5887 0.6625 -0.1571 0.0199  -0.1102 13 DG A C4    
273 P P     . DA A 14 ? 0.8838 0.6062 0.8803 -0.1888 -0.2076 -0.0288 14 DA A P     
274 O OP1   . DA A 14 ? 0.8797 0.6317 0.8092 -0.1855 -0.1507 -0.0330 14 DA A OP1   
275 O OP2   . DA A 14 ? 0.9602 0.6105 0.8947 -0.2106 -0.2563 -0.0027 14 DA A OP2   
276 O "O5'" . DA A 14 ? 0.8510 0.5786 0.9135 -0.1844 -0.2274 -0.0357 14 DA A "O5'" 
277 C "C5'" . DA A 14 ? 0.7779 0.5597 0.9619 -0.1687 -0.2108 -0.0663 14 DA A "C5'" 
278 C "C4'" . DA A 14 ? 0.7823 0.5421 1.0517 -0.1696 -0.2613 -0.0672 14 DA A "C4'" 
279 O "O4'" . DA A 14 ? 0.8286 0.5241 1.0933 -0.1823 -0.3306 -0.0420 14 DA A "O4'" 
280 C "C3'" . DA A 14 ? 0.7928 0.5346 1.0111 -0.1754 -0.2652 -0.0556 14 DA A "C3'" 
281 O "O3'" . DA A 14 ? 0.7581 0.5567 1.0217 -0.1647 -0.2157 -0.0829 14 DA A "O3'" 
282 C "C2'" . DA A 14 ? 0.8352 0.5248 1.1114 -0.1836 -0.3407 -0.0415 14 DA A "C2'" 
283 C "C1'" . DA A 14 ? 0.8590 0.5113 1.1440 -0.1910 -0.3844 -0.0280 14 DA A "C1'" 
284 N N9    . DA A 14 ? 0.9226 0.4909 1.0868 -0.2178 -0.4334 0.0111  14 DA A N9    
285 C C8    . DA A 14 ? 0.9464 0.4836 0.9726 -0.2350 -0.4136 0.0291  14 DA A C8    
286 N N7    . DA A 14 ? 1.0305 0.4810 0.9629 -0.2669 -0.4660 0.0605  14 DA A N7    
287 C C5    . DA A 14 ? 1.0572 0.4786 1.0717 -0.2690 -0.5317 0.0676  14 DA A C5    
288 C C6    . DA A 14 ? 1.1498 0.4778 1.1210 -0.3005 -0.6131 0.0998  14 DA A C6    
289 N N6    . DA A 14 ? 1.2461 0.4864 1.0621 -0.3419 -0.6379 0.1301  14 DA A N6    
290 N N1    . DA A 14 ? 1.1515 0.4743 1.2454 -0.2924 -0.6694 0.0983  14 DA A N1    
291 C C2    . DA A 14 ? 1.0609 0.4694 1.3103 -0.2564 -0.6368 0.0622  14 DA A C2    
292 N N3    . DA A 14 ? 0.9744 0.4705 1.2656 -0.2295 -0.5566 0.0284  14 DA A N3    
293 C C4    . DA A 14 ? 0.9819 0.4786 1.1478 -0.2369 -0.5106 0.0356  14 DA A C4    
# 
loop_
_pdbx_poly_seq_scheme.asym_id 
_pdbx_poly_seq_scheme.entity_id 
_pdbx_poly_seq_scheme.seq_id 
_pdbx_poly_seq_scheme.mon_id 
_pdbx_poly_seq_scheme.ndb_seq_num 
_pdbx_poly_seq_scheme.pdb_seq_num 
_pdbx_poly_seq_scheme.auth_seq_num 
_pdbx_poly_seq_scheme.pdb_mon_id 
_pdbx_poly_seq_scheme.auth_mon_id 
_pdbx_poly_seq_scheme.pdb_strand_id 
_pdbx_poly_seq_scheme.pdb_ins_code 
_pdbx_poly_seq_scheme.hetero 
A 1 1  DG 1  1  1  DG DG A . n 
A 1 2  DG 2  2  2  DG DG A . n 
A 1 3  DA 3  3  3  DA DA A . n 
A 1 4  DA 4  4  4  DA DA A . n 
A 1 5  DA 5  5  5  DA DA A . n 
A 1 6  DT 6  6  6  DT DT A . n 
A 1 7  DA 7  7  7  DA DA A . n 
A 1 8  DT 8  8  8  DT DT A . n 
A 1 9  DT 9  9  9  DT DT A . n 
A 1 10 DG 10 10 10 DG DG A . n 
A 1 11 DG 11 11 11 DG DG A . n 
A 1 12 DA 12 12 12 DA DA A . n 
A 1 13 DG 13 13 13 DG DG A . n 
A 1 14 DA 14 14 14 DA DA A . n 
# 
loop_
_pdbx_nonpoly_scheme.asym_id 
_pdbx_nonpoly_scheme.entity_id 
_pdbx_nonpoly_scheme.mon_id 
_pdbx_nonpoly_scheme.ndb_seq_num 
_pdbx_nonpoly_scheme.pdb_seq_num 
_pdbx_nonpoly_scheme.auth_seq_num 
_pdbx_nonpoly_scheme.pdb_mon_id 
_pdbx_nonpoly_scheme.auth_mon_id 
_pdbx_nonpoly_scheme.pdb_strand_id 
_pdbx_nonpoly_scheme.pdb_ins_code 
B 2 MG  1 101 1 MG  MG  A . 
C 2 MG  1 102 2 MG  MG  A . 
D 3 HOH 1 201 7 HOH HOH A . 
D 3 HOH 2 202 1 HOH HOH A . 
D 3 HOH 3 203 2 HOH HOH A . 
D 3 HOH 4 204 8 HOH HOH A . 
D 3 HOH 5 205 3 HOH HOH A . 
D 3 HOH 6 206 5 HOH HOH A . 
# 
_pdbx_struct_assembly.id                   1 
_pdbx_struct_assembly.details              author_and_software_defined_assembly 
_pdbx_struct_assembly.method_details       PISA 
_pdbx_struct_assembly.oligomeric_details   dimeric 
_pdbx_struct_assembly.oligomeric_count     2 
# 
_pdbx_struct_assembly_gen.assembly_id       1 
_pdbx_struct_assembly_gen.oper_expression   1,2 
_pdbx_struct_assembly_gen.asym_id_list      A,B,C,D 
# 
loop_
_pdbx_struct_assembly_prop.biol_id 
_pdbx_struct_assembly_prop.type 
_pdbx_struct_assembly_prop.value 
_pdbx_struct_assembly_prop.details 
1 'ABSA (A^2)' 1540 ? 
1 MORE         -13  ? 
1 'SSA (A^2)'  5920 ? 
# 
loop_
_pdbx_struct_oper_list.id 
_pdbx_struct_oper_list.type 
_pdbx_struct_oper_list.name 
_pdbx_struct_oper_list.symmetry_operation 
_pdbx_struct_oper_list.matrix[1][1] 
_pdbx_struct_oper_list.matrix[1][2] 
_pdbx_struct_oper_list.matrix[1][3] 
_pdbx_struct_oper_list.vector[1] 
_pdbx_struct_oper_list.matrix[2][1] 
_pdbx_struct_oper_list.matrix[2][2] 
_pdbx_struct_oper_list.matrix[2][3] 
_pdbx_struct_oper_list.vector[2] 
_pdbx_struct_oper_list.matrix[3][1] 
_pdbx_struct_oper_list.matrix[3][2] 
_pdbx_struct_oper_list.matrix[3][3] 
_pdbx_struct_oper_list.vector[3] 
1 'identity operation'         1_555 x,y,z              1.0000000000  0.0000000000  0.0000000000  0.0000000000 0.0000000000  1.0000000000  0.0000000000 0.0000000000 0.0000000000  0.0000000000 1.0000000000 0.0000000000 
2 'crystal symmetry operation' 6_767 -x+2,-x+y+1,-z+7/3 -0.8276457098 -0.1207363955 -0.5481106658 8.5290774634 -0.1207363955 -0.9154226032 0.3839585660 4.3560238488 -0.5481106658 0.3839585660 0.7430683129 1.7224486469 
# 
_pdbx_struct_conn_angle.id                    1 
_pdbx_struct_conn_angle.ptnr1_label_atom_id   OP1 
_pdbx_struct_conn_angle.ptnr1_label_alt_id    ? 
_pdbx_struct_conn_angle.ptnr1_label_asym_id   A 
_pdbx_struct_conn_angle.ptnr1_label_comp_id   DG 
_pdbx_struct_conn_angle.ptnr1_label_seq_id    13 
_pdbx_struct_conn_angle.ptnr1_auth_atom_id    ? 
_pdbx_struct_conn_angle.ptnr1_auth_asym_id    A 
_pdbx_struct_conn_angle.ptnr1_auth_comp_id    DG 
_pdbx_struct_conn_angle.ptnr1_auth_seq_id     13 
_pdbx_struct_conn_angle.ptnr1_PDB_ins_code    ? 
_pdbx_struct_conn_angle.ptnr1_symmetry        1_555 
_pdbx_struct_conn_angle.ptnr2_label_atom_id   MG 
_pdbx_struct_conn_angle.ptnr2_label_alt_id    ? 
_pdbx_struct_conn_angle.ptnr2_label_asym_id   B 
_pdbx_struct_conn_angle.ptnr2_label_comp_id   MG 
_pdbx_struct_conn_angle.ptnr2_label_seq_id    . 
_pdbx_struct_conn_angle.ptnr2_auth_atom_id    ? 
_pdbx_struct_conn_angle.ptnr2_auth_asym_id    A 
_pdbx_struct_conn_angle.ptnr2_auth_comp_id    MG 
_pdbx_struct_conn_angle.ptnr2_auth_seq_id     101 
_pdbx_struct_conn_angle.ptnr2_PDB_ins_code    ? 
_pdbx_struct_conn_angle.ptnr2_symmetry        1_555 
_pdbx_struct_conn_angle.ptnr3_label_atom_id   O 
_pdbx_struct_conn_angle.ptnr3_label_alt_id    ? 
_pdbx_struct_conn_angle.ptnr3_label_asym_id   D 
_pdbx_struct_conn_angle.ptnr3_label_comp_id   HOH 
_pdbx_struct_conn_angle.ptnr3_label_seq_id    . 
_pdbx_struct_conn_angle.ptnr3_auth_atom_id    ? 
_pdbx_struct_conn_angle.ptnr3_auth_asym_id    A 
_pdbx_struct_conn_angle.ptnr3_auth_comp_id    HOH 
_pdbx_struct_conn_angle.ptnr3_auth_seq_id     205 
_pdbx_struct_conn_angle.ptnr3_PDB_ins_code    ? 
_pdbx_struct_conn_angle.ptnr3_symmetry        4_547 
_pdbx_struct_conn_angle.value                 151.5 
_pdbx_struct_conn_angle.value_esd             ? 
# 
loop_
_pdbx_audit_revision_history.ordinal 
_pdbx_audit_revision_history.data_content_type 
_pdbx_audit_revision_history.major_revision 
_pdbx_audit_revision_history.minor_revision 
_pdbx_audit_revision_history.revision_date 
1 'Structure model' 1 0 2015-11-11 
2 'Structure model' 1 1 2015-12-16 
3 'Structure model' 1 2 2017-09-27 
4 'Structure model' 1 3 2019-11-27 
5 'Structure model' 1 4 2023-09-27 
# 
_pdbx_audit_revision_details.ordinal             1 
_pdbx_audit_revision_details.revision_ordinal    1 
_pdbx_audit_revision_details.data_content_type   'Structure model' 
_pdbx_audit_revision_details.provider            repository 
_pdbx_audit_revision_details.type                'Initial release' 
_pdbx_audit_revision_details.description         ? 
_pdbx_audit_revision_details.details             ? 
# 
loop_
_pdbx_audit_revision_group.ordinal 
_pdbx_audit_revision_group.revision_ordinal 
_pdbx_audit_revision_group.data_content_type 
_pdbx_audit_revision_group.group 
1 2 'Structure model' 'Database references'        
2 3 'Structure model' 'Author supporting evidence' 
3 3 'Structure model' 'Derived calculations'       
4 3 'Structure model' 'Refinement description'     
5 4 'Structure model' 'Author supporting evidence' 
6 5 'Structure model' 'Data collection'            
7 5 'Structure model' 'Database references'        
8 5 'Structure model' 'Refinement description'     
# 
loop_
_pdbx_audit_revision_category.ordinal 
_pdbx_audit_revision_category.revision_ordinal 
_pdbx_audit_revision_category.data_content_type 
_pdbx_audit_revision_category.category 
1 3 'Structure model' pdbx_audit_support            
2 3 'Structure model' pdbx_struct_oper_list         
3 3 'Structure model' software                      
4 4 'Structure model' pdbx_audit_support            
5 5 'Structure model' chem_comp_atom                
6 5 'Structure model' chem_comp_bond                
7 5 'Structure model' database_2                    
8 5 'Structure model' pdbx_initial_refinement_model 
# 
loop_
_pdbx_audit_revision_item.ordinal 
_pdbx_audit_revision_item.revision_ordinal 
_pdbx_audit_revision_item.data_content_type 
_pdbx_audit_revision_item.item 
1 3 'Structure model' '_pdbx_audit_support.funding_organization'  
2 3 'Structure model' '_pdbx_struct_oper_list.symmetry_operation' 
3 3 'Structure model' '_software.classification'                  
4 4 'Structure model' '_pdbx_audit_support.funding_organization'  
5 5 'Structure model' '_database_2.pdbx_DOI'                      
6 5 'Structure model' '_database_2.pdbx_database_accession'       
# 
loop_
_software.citation_id 
_software.classification 
_software.compiler_name 
_software.compiler_version 
_software.contact_author 
_software.contact_author_email 
_software.date 
_software.description 
_software.dependencies 
_software.hardware 
_software.language 
_software.location 
_software.mods 
_software.name 
_software.os 
_software.os_version 
_software.type 
_software.version 
_software.pdbx_ordinal 
? refinement     ? ? ? ? ? ? ? ? ? ? ? REFMAC  ? ? ? 5.8.0073 1 
? refinement     ? ? ? ? ? ? ? ? ? ? ? PHENIX  ? ? ? .        2 
? 'data scaling' ? ? ? ? ? ? ? ? ? ? ? Aimless ? ? ? .        3 
? 'data scaling' ? ? ? ? ? ? ? ? ? ? ? XDS     ? ? ? .        4 
? phasing        ? ? ? ? ? ? ? ? ? ? ? PHASER  ? ? ? .        5 
# 
_pdbx_validate_rmsd_angle.id                         1 
_pdbx_validate_rmsd_angle.PDB_model_num              1 
_pdbx_validate_rmsd_angle.auth_atom_id_1             "C5'" 
_pdbx_validate_rmsd_angle.auth_asym_id_1             A 
_pdbx_validate_rmsd_angle.auth_comp_id_1             DG 
_pdbx_validate_rmsd_angle.auth_seq_id_1              1 
_pdbx_validate_rmsd_angle.PDB_ins_code_1             ? 
_pdbx_validate_rmsd_angle.label_alt_id_1             ? 
_pdbx_validate_rmsd_angle.auth_atom_id_2             "C4'" 
_pdbx_validate_rmsd_angle.auth_asym_id_2             A 
_pdbx_validate_rmsd_angle.auth_comp_id_2             DG 
_pdbx_validate_rmsd_angle.auth_seq_id_2              1 
_pdbx_validate_rmsd_angle.PDB_ins_code_2             ? 
_pdbx_validate_rmsd_angle.label_alt_id_2             ? 
_pdbx_validate_rmsd_angle.auth_atom_id_3             "O4'" 
_pdbx_validate_rmsd_angle.auth_asym_id_3             A 
_pdbx_validate_rmsd_angle.auth_comp_id_3             DG 
_pdbx_validate_rmsd_angle.auth_seq_id_3              1 
_pdbx_validate_rmsd_angle.PDB_ins_code_3             ? 
_pdbx_validate_rmsd_angle.label_alt_id_3             ? 
_pdbx_validate_rmsd_angle.angle_value                116.53 
_pdbx_validate_rmsd_angle.angle_target_value         109.80 
_pdbx_validate_rmsd_angle.angle_deviation            6.73 
_pdbx_validate_rmsd_angle.angle_standard_deviation   1.10 
_pdbx_validate_rmsd_angle.linker_flag                N 
# 
loop_
_chem_comp_atom.comp_id 
_chem_comp_atom.atom_id 
_chem_comp_atom.type_symbol 
_chem_comp_atom.pdbx_aromatic_flag 
_chem_comp_atom.pdbx_stereo_config 
_chem_comp_atom.pdbx_ordinal 
DA  OP3    O  N N 1   
DA  P      P  N N 2   
DA  OP1    O  N N 3   
DA  OP2    O  N N 4   
DA  "O5'"  O  N N 5   
DA  "C5'"  C  N N 6   
DA  "C4'"  C  N R 7   
DA  "O4'"  O  N N 8   
DA  "C3'"  C  N S 9   
DA  "O3'"  O  N N 10  
DA  "C2'"  C  N N 11  
DA  "C1'"  C  N R 12  
DA  N9     N  Y N 13  
DA  C8     C  Y N 14  
DA  N7     N  Y N 15  
DA  C5     C  Y N 16  
DA  C6     C  Y N 17  
DA  N6     N  N N 18  
DA  N1     N  Y N 19  
DA  C2     C  Y N 20  
DA  N3     N  Y N 21  
DA  C4     C  Y N 22  
DA  HOP3   H  N N 23  
DA  HOP2   H  N N 24  
DA  "H5'"  H  N N 25  
DA  "H5''" H  N N 26  
DA  "H4'"  H  N N 27  
DA  "H3'"  H  N N 28  
DA  "HO3'" H  N N 29  
DA  "H2'"  H  N N 30  
DA  "H2''" H  N N 31  
DA  "H1'"  H  N N 32  
DA  H8     H  N N 33  
DA  H61    H  N N 34  
DA  H62    H  N N 35  
DA  H2     H  N N 36  
DG  OP3    O  N N 37  
DG  P      P  N N 38  
DG  OP1    O  N N 39  
DG  OP2    O  N N 40  
DG  "O5'"  O  N N 41  
DG  "C5'"  C  N N 42  
DG  "C4'"  C  N R 43  
DG  "O4'"  O  N N 44  
DG  "C3'"  C  N S 45  
DG  "O3'"  O  N N 46  
DG  "C2'"  C  N N 47  
DG  "C1'"  C  N R 48  
DG  N9     N  Y N 49  
DG  C8     C  Y N 50  
DG  N7     N  Y N 51  
DG  C5     C  Y N 52  
DG  C6     C  N N 53  
DG  O6     O  N N 54  
DG  N1     N  N N 55  
DG  C2     C  N N 56  
DG  N2     N  N N 57  
DG  N3     N  N N 58  
DG  C4     C  Y N 59  
DG  HOP3   H  N N 60  
DG  HOP2   H  N N 61  
DG  "H5'"  H  N N 62  
DG  "H5''" H  N N 63  
DG  "H4'"  H  N N 64  
DG  "H3'"  H  N N 65  
DG  "HO3'" H  N N 66  
DG  "H2'"  H  N N 67  
DG  "H2''" H  N N 68  
DG  "H1'"  H  N N 69  
DG  H8     H  N N 70  
DG  H1     H  N N 71  
DG  H21    H  N N 72  
DG  H22    H  N N 73  
DT  OP3    O  N N 74  
DT  P      P  N N 75  
DT  OP1    O  N N 76  
DT  OP2    O  N N 77  
DT  "O5'"  O  N N 78  
DT  "C5'"  C  N N 79  
DT  "C4'"  C  N R 80  
DT  "O4'"  O  N N 81  
DT  "C3'"  C  N S 82  
DT  "O3'"  O  N N 83  
DT  "C2'"  C  N N 84  
DT  "C1'"  C  N R 85  
DT  N1     N  N N 86  
DT  C2     C  N N 87  
DT  O2     O  N N 88  
DT  N3     N  N N 89  
DT  C4     C  N N 90  
DT  O4     O  N N 91  
DT  C5     C  N N 92  
DT  C7     C  N N 93  
DT  C6     C  N N 94  
DT  HOP3   H  N N 95  
DT  HOP2   H  N N 96  
DT  "H5'"  H  N N 97  
DT  "H5''" H  N N 98  
DT  "H4'"  H  N N 99  
DT  "H3'"  H  N N 100 
DT  "HO3'" H  N N 101 
DT  "H2'"  H  N N 102 
DT  "H2''" H  N N 103 
DT  "H1'"  H  N N 104 
DT  H3     H  N N 105 
DT  H71    H  N N 106 
DT  H72    H  N N 107 
DT  H73    H  N N 108 
DT  H6     H  N N 109 
HOH O      O  N N 110 
HOH H1     H  N N 111 
HOH H2     H  N N 112 
MG  MG     MG N N 113 
# 
loop_
_chem_comp_bond.comp_id 
_chem_comp_bond.atom_id_1 
_chem_comp_bond.atom_id_2 
_chem_comp_bond.value_order 
_chem_comp_bond.pdbx_aromatic_flag 
_chem_comp_bond.pdbx_stereo_config 
_chem_comp_bond.pdbx_ordinal 
DA  OP3   P      sing N N 1   
DA  OP3   HOP3   sing N N 2   
DA  P     OP1    doub N N 3   
DA  P     OP2    sing N N 4   
DA  P     "O5'"  sing N N 5   
DA  OP2   HOP2   sing N N 6   
DA  "O5'" "C5'"  sing N N 7   
DA  "C5'" "C4'"  sing N N 8   
DA  "C5'" "H5'"  sing N N 9   
DA  "C5'" "H5''" sing N N 10  
DA  "C4'" "O4'"  sing N N 11  
DA  "C4'" "C3'"  sing N N 12  
DA  "C4'" "H4'"  sing N N 13  
DA  "O4'" "C1'"  sing N N 14  
DA  "C3'" "O3'"  sing N N 15  
DA  "C3'" "C2'"  sing N N 16  
DA  "C3'" "H3'"  sing N N 17  
DA  "O3'" "HO3'" sing N N 18  
DA  "C2'" "C1'"  sing N N 19  
DA  "C2'" "H2'"  sing N N 20  
DA  "C2'" "H2''" sing N N 21  
DA  "C1'" N9     sing N N 22  
DA  "C1'" "H1'"  sing N N 23  
DA  N9    C8     sing Y N 24  
DA  N9    C4     sing Y N 25  
DA  C8    N7     doub Y N 26  
DA  C8    H8     sing N N 27  
DA  N7    C5     sing Y N 28  
DA  C5    C6     sing Y N 29  
DA  C5    C4     doub Y N 30  
DA  C6    N6     sing N N 31  
DA  C6    N1     doub Y N 32  
DA  N6    H61    sing N N 33  
DA  N6    H62    sing N N 34  
DA  N1    C2     sing Y N 35  
DA  C2    N3     doub Y N 36  
DA  C2    H2     sing N N 37  
DA  N3    C4     sing Y N 38  
DG  OP3   P      sing N N 39  
DG  OP3   HOP3   sing N N 40  
DG  P     OP1    doub N N 41  
DG  P     OP2    sing N N 42  
DG  P     "O5'"  sing N N 43  
DG  OP2   HOP2   sing N N 44  
DG  "O5'" "C5'"  sing N N 45  
DG  "C5'" "C4'"  sing N N 46  
DG  "C5'" "H5'"  sing N N 47  
DG  "C5'" "H5''" sing N N 48  
DG  "C4'" "O4'"  sing N N 49  
DG  "C4'" "C3'"  sing N N 50  
DG  "C4'" "H4'"  sing N N 51  
DG  "O4'" "C1'"  sing N N 52  
DG  "C3'" "O3'"  sing N N 53  
DG  "C3'" "C2'"  sing N N 54  
DG  "C3'" "H3'"  sing N N 55  
DG  "O3'" "HO3'" sing N N 56  
DG  "C2'" "C1'"  sing N N 57  
DG  "C2'" "H2'"  sing N N 58  
DG  "C2'" "H2''" sing N N 59  
DG  "C1'" N9     sing N N 60  
DG  "C1'" "H1'"  sing N N 61  
DG  N9    C8     sing Y N 62  
DG  N9    C4     sing Y N 63  
DG  C8    N7     doub Y N 64  
DG  C8    H8     sing N N 65  
DG  N7    C5     sing Y N 66  
DG  C5    C6     sing N N 67  
DG  C5    C4     doub Y N 68  
DG  C6    O6     doub N N 69  
DG  C6    N1     sing N N 70  
DG  N1    C2     sing N N 71  
DG  N1    H1     sing N N 72  
DG  C2    N2     sing N N 73  
DG  C2    N3     doub N N 74  
DG  N2    H21    sing N N 75  
DG  N2    H22    sing N N 76  
DG  N3    C4     sing N N 77  
DT  OP3   P      sing N N 78  
DT  OP3   HOP3   sing N N 79  
DT  P     OP1    doub N N 80  
DT  P     OP2    sing N N 81  
DT  P     "O5'"  sing N N 82  
DT  OP2   HOP2   sing N N 83  
DT  "O5'" "C5'"  sing N N 84  
DT  "C5'" "C4'"  sing N N 85  
DT  "C5'" "H5'"  sing N N 86  
DT  "C5'" "H5''" sing N N 87  
DT  "C4'" "O4'"  sing N N 88  
DT  "C4'" "C3'"  sing N N 89  
DT  "C4'" "H4'"  sing N N 90  
DT  "O4'" "C1'"  sing N N 91  
DT  "C3'" "O3'"  sing N N 92  
DT  "C3'" "C2'"  sing N N 93  
DT  "C3'" "H3'"  sing N N 94  
DT  "O3'" "HO3'" sing N N 95  
DT  "C2'" "C1'"  sing N N 96  
DT  "C2'" "H2'"  sing N N 97  
DT  "C2'" "H2''" sing N N 98  
DT  "C1'" N1     sing N N 99  
DT  "C1'" "H1'"  sing N N 100 
DT  N1    C2     sing N N 101 
DT  N1    C6     sing N N 102 
DT  C2    O2     doub N N 103 
DT  C2    N3     sing N N 104 
DT  N3    C4     sing N N 105 
DT  N3    H3     sing N N 106 
DT  C4    O4     doub N N 107 
DT  C4    C5     sing N N 108 
DT  C5    C7     sing N N 109 
DT  C5    C6     doub N N 110 
DT  C7    H71    sing N N 111 
DT  C7    H72    sing N N 112 
DT  C7    H73    sing N N 113 
DT  C6    H6     sing N N 114 
HOH O     H1     sing N N 115 
HOH O     H2     sing N N 116 
# 
loop_
_ndb_struct_conf_na.entry_id 
_ndb_struct_conf_na.feature 
5BZY 'double helix'         
5BZY 'b-form double helix'  
5BZY 'mismatched base pair' 
# 
loop_
_ndb_struct_na_base_pair.model_number 
_ndb_struct_na_base_pair.i_label_asym_id 
_ndb_struct_na_base_pair.i_label_comp_id 
_ndb_struct_na_base_pair.i_label_seq_id 
_ndb_struct_na_base_pair.i_symmetry 
_ndb_struct_na_base_pair.j_label_asym_id 
_ndb_struct_na_base_pair.j_label_comp_id 
_ndb_struct_na_base_pair.j_label_seq_id 
_ndb_struct_na_base_pair.j_symmetry 
_ndb_struct_na_base_pair.shear 
_ndb_struct_na_base_pair.stretch 
_ndb_struct_na_base_pair.stagger 
_ndb_struct_na_base_pair.buckle 
_ndb_struct_na_base_pair.propeller 
_ndb_struct_na_base_pair.opening 
_ndb_struct_na_base_pair.pair_number 
_ndb_struct_na_base_pair.pair_name 
_ndb_struct_na_base_pair.i_auth_asym_id 
_ndb_struct_na_base_pair.i_auth_seq_id 
_ndb_struct_na_base_pair.i_PDB_ins_code 
_ndb_struct_na_base_pair.j_auth_asym_id 
_ndb_struct_na_base_pair.j_auth_seq_id 
_ndb_struct_na_base_pair.j_PDB_ins_code 
_ndb_struct_na_base_pair.hbond_type_28 
_ndb_struct_na_base_pair.hbond_type_12 
1 A DG 1  1_555 A DG 11 6_767 5.586  -0.300 -0.137 32.034  -2.666  -109.083 1  A_DG1:DG11_A A 1  ? A 11 ? 7  4 
1 A DG 1  1_555 A DG 11 1_555 5.586  -0.300 -0.137 32.034  -2.666  -109.083 2  A_DG1:DG11_A A 1  ? A 11 ? 7  4 
1 A DA 3  1_555 A DG 10 6_767 -6.572 -4.255 0.665  -25.443 -4.094  3.944    3  A_DA3:DG10_A A 3  ? A 10 ? 11 9 
1 A DA 4  1_555 A DT 9  6_767 -0.094 -0.043 -0.123 0.209   1.816   -0.071   4  A_DA4:DT9_A  A 4  ? A 9  ? 20 1 
1 A DA 5  1_555 A DT 8  6_767 -0.218 -0.105 0.021  7.380   -10.456 2.175    5  A_DA5:DT8_A  A 5  ? A 8  ? 20 1 
1 A DT 6  1_555 A DA 7  6_767 0.197  -0.169 -0.015 4.986   -11.541 5.874    6  A_DT6:DA7_A  A 6  ? A 7  ? 20 1 
1 A DA 7  1_555 A DT 6  6_767 -0.197 -0.169 -0.015 -4.986  -11.541 5.874    7  A_DA7:DT6_A  A 7  ? A 6  ? 20 1 
1 A DT 8  1_555 A DA 5  6_767 0.218  -0.105 0.021  -7.380  -10.456 2.175    8  A_DT8:DA5_A  A 8  ? A 5  ? 20 1 
1 A DT 9  1_555 A DA 4  6_767 0.094  -0.043 -0.123 -0.210  1.816   -0.071   9  A_DT9:DA4_A  A 9  ? A 4  ? 20 1 
1 A DG 10 1_555 A DA 3  6_767 6.572  -4.255 0.665  25.443  -4.094  3.944    10 A_DG10:DA3_A A 10 ? A 3  ? 11 9 
# 
loop_
_ndb_struct_na_base_pair_step.model_number 
_ndb_struct_na_base_pair_step.i_label_asym_id_1 
_ndb_struct_na_base_pair_step.i_label_comp_id_1 
_ndb_struct_na_base_pair_step.i_label_seq_id_1 
_ndb_struct_na_base_pair_step.i_symmetry_1 
_ndb_struct_na_base_pair_step.j_label_asym_id_1 
_ndb_struct_na_base_pair_step.j_label_comp_id_1 
_ndb_struct_na_base_pair_step.j_label_seq_id_1 
_ndb_struct_na_base_pair_step.j_symmetry_1 
_ndb_struct_na_base_pair_step.i_label_asym_id_2 
_ndb_struct_na_base_pair_step.i_label_comp_id_2 
_ndb_struct_na_base_pair_step.i_label_seq_id_2 
_ndb_struct_na_base_pair_step.i_symmetry_2 
_ndb_struct_na_base_pair_step.j_label_asym_id_2 
_ndb_struct_na_base_pair_step.j_label_comp_id_2 
_ndb_struct_na_base_pair_step.j_label_seq_id_2 
_ndb_struct_na_base_pair_step.j_symmetry_2 
_ndb_struct_na_base_pair_step.shift 
_ndb_struct_na_base_pair_step.slide 
_ndb_struct_na_base_pair_step.rise 
_ndb_struct_na_base_pair_step.tilt 
_ndb_struct_na_base_pair_step.roll 
_ndb_struct_na_base_pair_step.twist 
_ndb_struct_na_base_pair_step.x_displacement 
_ndb_struct_na_base_pair_step.y_displacement 
_ndb_struct_na_base_pair_step.helical_rise 
_ndb_struct_na_base_pair_step.inclination 
_ndb_struct_na_base_pair_step.tip 
_ndb_struct_na_base_pair_step.helical_twist 
_ndb_struct_na_base_pair_step.step_number 
_ndb_struct_na_base_pair_step.step_name 
_ndb_struct_na_base_pair_step.i_auth_asym_id_1 
_ndb_struct_na_base_pair_step.i_auth_seq_id_1 
_ndb_struct_na_base_pair_step.i_PDB_ins_code_1 
_ndb_struct_na_base_pair_step.j_auth_asym_id_1 
_ndb_struct_na_base_pair_step.j_auth_seq_id_1 
_ndb_struct_na_base_pair_step.j_PDB_ins_code_1 
_ndb_struct_na_base_pair_step.i_auth_asym_id_2 
_ndb_struct_na_base_pair_step.i_auth_seq_id_2 
_ndb_struct_na_base_pair_step.i_PDB_ins_code_2 
_ndb_struct_na_base_pair_step.j_auth_asym_id_2 
_ndb_struct_na_base_pair_step.j_auth_seq_id_2 
_ndb_struct_na_base_pair_step.j_PDB_ins_code_2 
1 A DA 3 1_555 A DG 10 6_767 A DA 4  1_555 A DT 9 6_767 -0.585 1.926  2.967 0.273  5.696  58.669 1.685  0.608  3.122 5.798  -0.278 
58.921 1 AA_DA3DA4:DT9DG10_AA A 3 ? A 10 ? A 4  ? A 9 ? 
1 A DA 4 1_555 A DT 9  6_767 A DA 5  1_555 A DT 8 6_767 -0.563 0.247  3.171 -2.720 3.721  33.114 -0.174 0.539  3.214 6.489  4.744  
33.424 2 AA_DA4DA5:DT8DT9_AA  A 4 ? A 9  ? A 5  ? A 8 ? 
1 A DA 5 1_555 A DT 8  6_767 A DT 6  1_555 A DA 7 6_767 0.541  -0.562 3.366 1.009  -0.512 33.835 -0.880 -0.760 3.389 -0.880 -1.733 
33.853 3 AA_DA5DT6:DA7DT8_AA  A 5 ? A 8  ? A 6  ? A 7 ? 
1 A DT 6 1_555 A DA 7  6_767 A DA 7  1_555 A DT 6 6_767 0.000  -0.322 3.323 0.000  6.405  38.274 -1.274 0.000  3.229 9.685  0.000  
38.787 4 AA_DT6DA7:DT6DA7_AA  A 6 ? A 7  ? A 7  ? A 6 ? 
1 A DA 7 1_555 A DT 6  6_767 A DT 8  1_555 A DA 5 6_767 -0.541 -0.562 3.366 -1.009 -0.512 33.835 -0.880 0.760  3.389 -0.880 1.733  
33.853 5 AA_DA7DT8:DA5DT6_AA  A 7 ? A 6  ? A 8  ? A 5 ? 
1 A DT 8 1_555 A DA 5  6_767 A DT 9  1_555 A DA 4 6_767 0.563  0.247  3.171 2.720  3.721  33.114 -0.174 -0.539 3.214 6.489  -4.744 
33.424 6 AA_DT8DT9:DA4DA5_AA  A 8 ? A 5  ? A 9  ? A 4 ? 
1 A DT 9 1_555 A DA 4  6_767 A DG 10 1_555 A DA 3 6_767 0.585  1.926  2.967 -0.273 5.696  58.669 1.685  -0.608 3.122 5.798  0.278  
58.921 7 AA_DT9DG10:DA3DA4_AA A 9 ? A 4  ? A 10 ? A 3 ? 
# 
_pdbx_audit_support.funding_organization   'National Science Foundation (NSF, United States)' 
_pdbx_audit_support.country                'United States' 
_pdbx_audit_support.grant_number           ? 
_pdbx_audit_support.ordinal                1 
# 
loop_
_pdbx_entity_nonpoly.entity_id 
_pdbx_entity_nonpoly.name 
_pdbx_entity_nonpoly.comp_id 
2 'MAGNESIUM ION' MG  
3 water           HOH 
# 
_pdbx_initial_refinement_model.id               1 
_pdbx_initial_refinement_model.entity_id_list   ? 
_pdbx_initial_refinement_model.type             'experimental model' 
_pdbx_initial_refinement_model.source_name      PDB 
_pdbx_initial_refinement_model.accession_code   5BXW 
_pdbx_initial_refinement_model.details          ? 
# 
